data_9IQ4
#
_entry.id   9IQ4
#
_cell.length_a   79.113
_cell.length_b   56.918
_cell.length_c   100.465
_cell.angle_alpha   90.00
_cell.angle_beta   112.30
_cell.angle_gamma   90.00
#
_symmetry.space_group_name_H-M   'P 1 21 1'
#
loop_
_entity.id
_entity.type
_entity.pdbx_description
1 polymer 'Methyltransferase EP424R'
2 non-polymer S-ADENOSYL-L-HOMOCYSTEINE
3 water water
#
_entity_poly.entity_id   1
_entity_poly.type   'polypeptide(L)'
_entity_poly.pdbx_seq_one_letter_code
;MSNYYYYYGGGRYDWLKTVEPTNFLKIGLPYQAHPLHLQHQATTPPSILEKFKRADILLNEVKAEMDPLMLQPETEKKLF
QILSSIDMFKGLRKKVEFTYNAQIVTNAWLKMYELLNTMNFNNTSQAFCNCELPGGFISAINHFNYTMMHYPTFNWVASS
LYPSSETDALEDHYGLYQCNPDNWLMQSPLLKKNIDYNNGDVTIASNVKNLALRATQRLTPIHLYTADGGINVGHDYNKQ
EELNLKLHFGQALTGLLSLSKGGNMILKHYTLNHAFTLSLICVFSHFFEELYITKPTSSRPTNSETYIVGKNRLRLFTPK
EEQVLLKRLEFFNDTPLVDLSLYQNLLESVYFAVETIHLKQQIEFLNFGMKCYRHFYNKIKLLNDYLAPKKKIFQDRWRV
LNKLYVLEKKHKLKLCAS
;
_entity_poly.pdbx_strand_id   A,B
#
# COMPACT_ATOMS: atom_id res chain seq x y z
N TYR A 13 -35.54 14.08 12.17
CA TYR A 13 -34.63 13.62 11.09
C TYR A 13 -35.29 13.87 9.72
N ASP A 14 -36.04 14.98 9.60
CA ASP A 14 -36.70 15.38 8.33
C ASP A 14 -35.53 15.73 7.42
N TRP A 15 -34.44 16.24 7.96
CA TRP A 15 -33.41 16.65 7.00
C TRP A 15 -32.77 15.46 6.30
N LEU A 16 -33.10 14.23 6.70
CA LEU A 16 -32.69 13.02 6.00
C LEU A 16 -33.75 12.53 5.02
N LYS A 17 -35.04 12.72 5.34
CA LYS A 17 -36.13 12.20 4.53
C LYS A 17 -36.52 13.09 3.36
N THR A 18 -36.04 14.33 3.32
CA THR A 18 -36.26 15.19 2.15
C THR A 18 -35.02 15.32 1.28
N VAL A 19 -33.98 14.55 1.56
CA VAL A 19 -32.81 14.51 0.69
C VAL A 19 -33.28 14.11 -0.72
N GLU A 20 -32.81 14.84 -1.72
CA GLU A 20 -33.26 14.65 -3.10
C GLU A 20 -32.06 14.42 -4.00
N PRO A 21 -32.22 13.66 -5.10
CA PRO A 21 -31.10 13.44 -6.00
C PRO A 21 -30.48 14.77 -6.40
N THR A 22 -29.17 14.78 -6.60
CA THR A 22 -28.57 15.95 -7.21
C THR A 22 -28.84 15.93 -8.72
N ASN A 23 -28.58 17.06 -9.34
CA ASN A 23 -28.73 17.13 -10.78
C ASN A 23 -27.34 17.25 -11.40
N PHE A 24 -27.21 16.71 -12.61
CA PHE A 24 -26.10 17.06 -13.45
C PHE A 24 -26.01 18.59 -13.50
N LEU A 25 -24.86 19.10 -13.11
CA LEU A 25 -24.61 20.53 -13.12
C LEU A 25 -23.80 20.88 -14.35
N LYS A 26 -24.29 21.83 -15.14
CA LYS A 26 -23.74 22.12 -16.46
C LYS A 26 -23.87 23.63 -16.68
N ILE A 27 -22.74 24.32 -16.75
CA ILE A 27 -22.69 25.77 -16.91
C ILE A 27 -21.98 26.09 -18.21
N GLY A 28 -22.72 26.62 -19.18
CA GLY A 28 -22.09 27.03 -20.42
C GLY A 28 -21.19 28.23 -20.19
N LEU A 29 -20.06 28.24 -20.88
CA LEU A 29 -19.12 29.33 -20.95
C LEU A 29 -19.17 29.92 -22.35
N PRO A 30 -18.99 31.24 -22.47
CA PRO A 30 -19.05 31.87 -23.79
C PRO A 30 -17.75 31.70 -24.54
N TYR A 31 -17.84 31.19 -25.75
CA TYR A 31 -16.72 31.20 -26.69
C TYR A 31 -16.25 32.63 -26.92
N GLN A 32 -14.94 32.83 -27.05
CA GLN A 32 -14.44 34.18 -27.30
C GLN A 32 -14.13 34.39 -28.76
N ALA A 33 -14.80 35.38 -29.36
CA ALA A 33 -14.58 35.71 -30.76
C ALA A 33 -13.22 36.39 -30.95
N HIS A 34 -12.94 37.40 -30.14
CA HIS A 34 -11.68 38.13 -30.05
C HIS A 34 -10.46 37.21 -30.21
N PRO A 35 -9.44 37.64 -30.94
CA PRO A 35 -8.29 36.75 -31.16
C PRO A 35 -7.56 36.45 -29.87
N LEU A 36 -7.19 35.20 -29.71
CA LEU A 36 -6.38 34.81 -28.56
C LEU A 36 -5.04 35.52 -28.61
N HIS A 37 -4.69 36.18 -27.51
CA HIS A 37 -3.34 36.71 -27.32
C HIS A 37 -2.75 36.03 -26.10
N LEU A 38 -1.88 35.04 -26.32
CA LEU A 38 -1.15 34.46 -25.22
C LEU A 38 -0.24 35.51 -24.60
N GLN A 39 -0.26 35.59 -23.28
CA GLN A 39 0.38 36.68 -22.57
C GLN A 39 1.88 36.43 -22.45
N HIS A 40 2.66 37.51 -22.58
CA HIS A 40 4.09 37.47 -22.32
C HIS A 40 4.43 38.15 -21.01
N GLN A 41 3.53 38.98 -20.51
CA GLN A 41 3.78 39.86 -19.39
C GLN A 41 2.70 39.62 -18.33
N ALA A 42 3.12 39.59 -17.07
CA ALA A 42 2.14 39.64 -16.00
C ALA A 42 1.31 40.90 -16.16
N THR A 43 0.08 40.85 -15.68
CA THR A 43 -0.85 41.94 -15.86
C THR A 43 -1.71 42.10 -14.62
N THR A 44 -2.26 43.29 -14.47
CA THR A 44 -3.12 43.60 -13.34
C THR A 44 -4.41 42.79 -13.45
N PRO A 45 -4.75 41.99 -12.43
CA PRO A 45 -5.92 41.13 -12.55
C PRO A 45 -7.21 41.94 -12.51
N PRO A 46 -8.28 41.44 -13.13
CA PRO A 46 -9.57 42.13 -13.05
C PRO A 46 -10.20 41.90 -11.69
N SER A 47 -11.06 42.84 -11.30
CA SER A 47 -11.58 42.81 -9.94
C SER A 47 -12.39 41.56 -9.66
N ILE A 48 -12.91 40.87 -10.69
CA ILE A 48 -13.67 39.66 -10.44
C ILE A 48 -12.80 38.53 -9.87
N LEU A 49 -11.47 38.59 -10.08
CA LEU A 49 -10.59 37.61 -9.45
C LEU A 49 -10.69 37.66 -7.93
N GLU A 50 -11.01 38.81 -7.36
CA GLU A 50 -11.20 38.93 -5.92
C GLU A 50 -12.37 38.08 -5.44
N LYS A 51 -13.45 38.08 -6.21
CA LYS A 51 -14.60 37.25 -5.88
C LYS A 51 -14.28 35.76 -6.01
N PHE A 52 -13.36 35.40 -6.90
CA PHE A 52 -12.87 34.04 -6.96
C PHE A 52 -11.98 33.72 -5.76
N LYS A 53 -11.17 34.69 -5.34
CA LYS A 53 -10.40 34.53 -4.11
C LYS A 53 -11.31 34.31 -2.92
N ARG A 54 -12.43 35.05 -2.84
CA ARG A 54 -13.37 34.91 -1.74
C ARG A 54 -14.03 33.54 -1.76
N ALA A 55 -14.34 33.04 -2.97
CA ALA A 55 -14.93 31.71 -3.08
C ALA A 55 -13.94 30.64 -2.62
N ASP A 56 -12.66 30.82 -2.95
CA ASP A 56 -11.63 29.90 -2.50
C ASP A 56 -11.49 29.92 -0.98
N ILE A 57 -11.43 31.12 -0.40
CA ILE A 57 -11.32 31.24 1.06
C ILE A 57 -12.52 30.58 1.73
N LEU A 58 -13.72 30.83 1.21
CA LEU A 58 -14.92 30.28 1.83
C LEU A 58 -14.94 28.75 1.70
N LEU A 59 -14.71 28.26 0.48
CA LEU A 59 -14.73 26.82 0.24
C LEU A 59 -13.69 26.12 1.12
N ASN A 60 -12.55 26.75 1.33
CA ASN A 60 -11.58 26.17 2.25
C ASN A 60 -12.01 26.29 3.70
N GLU A 61 -12.78 27.32 4.06
CA GLU A 61 -13.32 27.39 5.42
C GLU A 61 -14.20 26.19 5.72
N VAL A 62 -15.13 25.86 4.81
CA VAL A 62 -16.06 24.76 5.04
C VAL A 62 -15.31 23.44 5.01
N LYS A 63 -14.40 23.28 4.06
CA LYS A 63 -13.55 22.09 4.07
C LYS A 63 -12.83 21.96 5.39
N ALA A 64 -12.29 23.07 5.90
CA ALA A 64 -11.54 23.04 7.13
C ALA A 64 -12.38 22.52 8.29
N GLU A 65 -13.72 22.65 8.20
CA GLU A 65 -14.59 22.25 9.29
C GLU A 65 -14.37 20.82 9.74
N MET A 66 -13.74 19.98 8.91
CA MET A 66 -13.49 18.60 9.31
C MET A 66 -12.14 18.40 9.96
N ASP A 67 -11.23 19.37 9.89
CA ASP A 67 -9.93 19.27 10.55
C ASP A 67 -9.97 18.71 11.97
N PRO A 68 -10.85 19.16 12.88
CA PRO A 68 -10.78 18.62 14.24
C PRO A 68 -10.94 17.11 14.28
N LEU A 69 -11.82 16.55 13.45
CA LEU A 69 -11.96 15.10 13.36
C LEU A 69 -10.74 14.43 12.77
N MET A 70 -9.92 15.16 12.02
CA MET A 70 -8.76 14.58 11.38
C MET A 70 -7.63 14.25 12.36
N LEU A 71 -7.55 14.98 13.49
CA LEU A 71 -6.37 14.89 14.36
C LEU A 71 -6.25 13.53 15.05
N GLN A 72 -7.35 12.95 15.51
CA GLN A 72 -7.31 11.69 16.21
C GLN A 72 -7.83 10.58 15.31
N PRO A 73 -7.05 9.50 15.04
CA PRO A 73 -7.47 8.53 14.03
C PRO A 73 -8.77 7.86 14.35
N GLU A 74 -9.15 7.87 15.63
CA GLU A 74 -10.39 7.24 16.02
C GLU A 74 -11.59 7.97 15.40
N THR A 75 -11.65 9.29 15.56
CA THR A 75 -12.73 10.06 14.93
C THR A 75 -12.52 10.23 13.43
N GLU A 76 -11.27 10.13 12.97
CA GLU A 76 -11.00 10.17 11.54
C GLU A 76 -11.73 9.04 10.83
N LYS A 77 -11.59 7.82 11.35
CA LYS A 77 -12.30 6.66 10.84
C LYS A 77 -13.80 6.92 10.79
N LYS A 78 -14.38 7.39 11.89
CA LYS A 78 -15.81 7.67 11.90
C LYS A 78 -16.17 8.66 10.81
N LEU A 79 -15.37 9.72 10.63
CA LEU A 79 -15.69 10.68 9.57
C LEU A 79 -15.76 10.00 8.22
N PHE A 80 -14.76 9.18 7.89
CA PHE A 80 -14.78 8.53 6.59
C PHE A 80 -15.91 7.51 6.48
N GLN A 81 -16.30 6.88 7.59
CA GLN A 81 -17.50 6.06 7.53
C GLN A 81 -18.73 6.90 7.21
N ILE A 82 -18.82 8.08 7.83
CA ILE A 82 -19.97 8.96 7.65
C ILE A 82 -20.04 9.46 6.21
N LEU A 83 -18.91 9.91 5.67
CA LEU A 83 -18.87 10.32 4.26
C LEU A 83 -19.16 9.15 3.33
N SER A 84 -18.75 7.95 3.72
CA SER A 84 -19.18 6.77 2.97
C SER A 84 -20.68 6.57 3.08
N SER A 85 -21.25 6.73 4.27
CA SER A 85 -22.69 6.55 4.44
C SER A 85 -23.48 7.49 3.54
N ILE A 86 -23.00 8.73 3.34
CA ILE A 86 -23.76 9.71 2.57
C ILE A 86 -23.43 9.68 1.08
N ASP A 87 -22.43 8.91 0.67
CA ASP A 87 -22.18 8.71 -0.74
C ASP A 87 -23.42 7.99 -1.28
N MET A 88 -24.26 8.72 -2.02
CA MET A 88 -25.55 8.16 -2.41
C MET A 88 -25.40 7.16 -3.55
N PHE A 89 -24.23 7.05 -4.19
CA PHE A 89 -24.05 6.11 -5.29
C PHE A 89 -23.23 4.89 -4.90
N LYS A 90 -23.08 4.62 -3.61
CA LYS A 90 -22.04 3.70 -3.15
C LYS A 90 -22.12 2.34 -3.84
N GLY A 91 -23.31 1.75 -3.96
CA GLY A 91 -23.34 0.45 -4.60
C GLY A 91 -23.56 0.44 -6.10
N LEU A 92 -23.56 1.61 -6.76
CA LEU A 92 -23.96 1.66 -8.16
C LEU A 92 -22.93 1.04 -9.08
N ARG A 93 -21.63 1.25 -8.78
CA ARG A 93 -20.55 0.67 -9.57
C ARG A 93 -20.76 -0.82 -9.83
N LYS A 94 -20.98 -1.59 -8.76
CA LYS A 94 -21.07 -3.03 -8.92
C LYS A 94 -22.36 -3.43 -9.62
N LYS A 95 -23.45 -2.72 -9.33
CA LYS A 95 -24.69 -2.96 -10.06
C LYS A 95 -24.50 -2.74 -11.55
N VAL A 96 -23.85 -1.63 -11.93
CA VAL A 96 -23.52 -1.40 -13.33
C VAL A 96 -22.64 -2.52 -13.87
N GLU A 97 -21.63 -2.93 -13.10
CA GLU A 97 -20.67 -3.92 -13.58
C GLU A 97 -21.33 -5.24 -13.91
N PHE A 98 -22.09 -5.81 -12.97
CA PHE A 98 -22.73 -7.10 -13.26
C PHE A 98 -23.83 -6.95 -14.32
N THR A 99 -24.74 -5.98 -14.14
CA THR A 99 -25.95 -5.93 -14.96
C THR A 99 -25.65 -5.78 -16.46
N TYR A 100 -24.56 -5.11 -16.83
CA TYR A 100 -24.35 -4.74 -18.22
C TYR A 100 -22.98 -5.18 -18.75
N ASN A 101 -22.28 -6.08 -18.05
CA ASN A 101 -20.96 -6.54 -18.48
C ASN A 101 -20.00 -5.38 -18.64
N ALA A 102 -20.12 -4.38 -17.78
CA ALA A 102 -19.24 -3.23 -17.87
C ALA A 102 -17.89 -3.59 -17.27
N GLN A 103 -16.84 -2.92 -17.75
CA GLN A 103 -15.47 -3.18 -17.35
C GLN A 103 -14.88 -1.96 -16.66
N ILE A 104 -13.94 -2.20 -15.76
CA ILE A 104 -13.27 -1.12 -15.03
C ILE A 104 -14.33 -0.10 -14.59
N VAL A 105 -15.38 -0.58 -13.93
CA VAL A 105 -16.44 0.29 -13.43
C VAL A 105 -15.91 0.81 -12.11
N THR A 106 -14.94 1.72 -12.18
CA THR A 106 -14.64 2.65 -11.12
C THR A 106 -15.62 3.82 -11.19
N ASN A 107 -15.48 4.75 -10.24
CA ASN A 107 -16.29 5.95 -10.33
C ASN A 107 -15.99 6.74 -11.60
N ALA A 108 -14.76 6.68 -12.12
CA ALA A 108 -14.49 7.38 -13.36
C ALA A 108 -15.36 6.84 -14.49
N TRP A 109 -15.62 5.53 -14.51
CA TRP A 109 -16.56 4.93 -15.46
C TRP A 109 -17.90 5.67 -15.40
N LEU A 110 -18.53 5.68 -14.22
CA LEU A 110 -19.81 6.36 -14.05
C LEU A 110 -19.74 7.81 -14.52
N LYS A 111 -18.66 8.50 -14.18
CA LYS A 111 -18.58 9.92 -14.49
C LYS A 111 -18.48 10.12 -15.98
N MET A 112 -17.57 9.40 -16.61
CA MET A 112 -17.49 9.48 -18.07
C MET A 112 -18.79 9.01 -18.69
N TYR A 113 -19.36 7.92 -18.20
CA TYR A 113 -20.59 7.44 -18.80
C TYR A 113 -21.69 8.50 -18.69
N GLU A 114 -21.85 9.07 -17.50
CA GLU A 114 -22.82 10.15 -17.33
C GLU A 114 -22.48 11.32 -18.25
N LEU A 115 -21.19 11.67 -18.32
CA LEU A 115 -20.76 12.75 -19.21
C LEU A 115 -21.16 12.46 -20.65
N LEU A 116 -20.88 11.25 -21.13
CA LEU A 116 -21.26 10.87 -22.49
C LEU A 116 -22.77 10.99 -22.71
N ASN A 117 -23.56 10.72 -21.68
CA ASN A 117 -25.02 10.68 -21.85
C ASN A 117 -25.68 12.03 -21.75
N THR A 118 -24.96 13.04 -21.32
CA THR A 118 -25.52 14.36 -21.10
C THR A 118 -25.04 15.38 -22.10
N MET A 119 -23.75 15.33 -22.45
CA MET A 119 -23.11 16.41 -23.17
C MET A 119 -23.39 16.38 -24.67
N ASN A 120 -24.02 15.31 -25.18
CA ASN A 120 -24.42 15.18 -26.57
C ASN A 120 -23.26 15.51 -27.51
N PHE A 121 -22.19 14.72 -27.37
CA PHE A 121 -21.03 14.93 -28.24
C PHE A 121 -21.37 14.59 -29.69
N ASN A 122 -20.73 15.30 -30.61
CA ASN A 122 -20.94 15.02 -32.01
C ASN A 122 -20.33 13.68 -32.40
N ASN A 123 -19.30 13.24 -31.68
CA ASN A 123 -18.56 12.04 -32.01
C ASN A 123 -17.69 11.65 -30.82
N THR A 124 -17.72 10.38 -30.44
CA THR A 124 -16.88 9.94 -29.32
C THR A 124 -16.05 8.73 -29.68
N SER A 125 -15.58 8.67 -30.94
CA SER A 125 -15.15 7.42 -31.56
C SER A 125 -13.65 7.25 -31.76
N GLN A 126 -12.87 8.31 -31.62
CA GLN A 126 -11.42 8.24 -31.81
C GLN A 126 -10.86 8.91 -30.57
N ALA A 127 -10.72 8.13 -29.51
CA ALA A 127 -10.48 8.66 -28.18
C ALA A 127 -8.99 8.64 -27.89
N PHE A 128 -8.53 9.72 -27.29
CA PHE A 128 -7.25 9.81 -26.60
C PHE A 128 -7.61 10.07 -25.13
N CYS A 129 -7.45 9.06 -24.29
CA CYS A 129 -7.68 9.21 -22.85
C CYS A 129 -6.33 9.33 -22.15
N ASN A 130 -6.02 10.52 -21.64
CA ASN A 130 -4.77 10.82 -20.97
C ASN A 130 -4.95 10.84 -19.45
N CYS A 131 -3.83 10.68 -18.73
CA CYS A 131 -3.80 10.41 -17.29
C CYS A 131 -4.94 9.47 -16.88
N GLU A 132 -4.92 8.27 -17.45
CA GLU A 132 -6.14 7.51 -17.60
C GLU A 132 -6.21 6.22 -16.80
N LEU A 133 -5.10 5.69 -16.32
CA LEU A 133 -5.16 4.42 -15.62
C LEU A 133 -5.95 4.57 -14.32
N PRO A 134 -6.69 3.54 -13.91
CA PRO A 134 -6.77 2.18 -14.46
C PRO A 134 -7.57 2.07 -15.75
N GLY A 135 -8.35 3.07 -16.16
CA GLY A 135 -9.01 2.97 -17.45
C GLY A 135 -10.53 3.04 -17.45
N GLY A 136 -11.13 3.61 -16.41
CA GLY A 136 -12.57 3.77 -16.40
C GLY A 136 -13.10 4.66 -17.50
N PHE A 137 -12.36 5.71 -17.85
CA PHE A 137 -12.82 6.61 -18.92
C PHE A 137 -12.86 5.88 -20.26
N ILE A 138 -11.74 5.25 -20.66
CA ILE A 138 -11.72 4.45 -21.89
C ILE A 138 -12.84 3.42 -21.86
N SER A 139 -13.04 2.79 -20.71
CA SER A 139 -14.03 1.73 -20.62
C SER A 139 -15.43 2.28 -20.83
N ALA A 140 -15.79 3.31 -20.07
CA ALA A 140 -17.07 3.98 -20.29
C ALA A 140 -17.23 4.39 -21.76
N ILE A 141 -16.17 4.90 -22.39
CA ILE A 141 -16.33 5.32 -23.78
C ILE A 141 -16.50 4.10 -24.65
N ASN A 142 -15.69 3.07 -24.43
CA ASN A 142 -15.87 1.82 -25.13
C ASN A 142 -17.28 1.29 -24.94
N HIS A 143 -17.74 1.25 -23.69
CA HIS A 143 -19.08 0.76 -23.39
C HIS A 143 -20.15 1.59 -24.10
N PHE A 144 -20.04 2.91 -23.99
CA PHE A 144 -21.00 3.82 -24.61
C PHE A 144 -20.93 3.74 -26.13
N ASN A 145 -19.75 3.61 -26.70
CA ASN A 145 -19.65 3.59 -28.15
C ASN A 145 -20.27 2.33 -28.71
N TYR A 146 -20.09 1.21 -28.04
CA TYR A 146 -20.57 -0.05 -28.62
C TYR A 146 -22.05 -0.28 -28.31
N THR A 147 -22.51 0.09 -27.12
CA THR A 147 -23.94 -0.10 -26.83
C THR A 147 -24.81 1.05 -27.32
N MET A 148 -24.28 2.27 -27.45
CA MET A 148 -25.13 3.42 -27.68
C MET A 148 -24.90 4.10 -29.02
N MET A 149 -23.67 4.15 -29.50
CA MET A 149 -23.33 4.86 -30.72
C MET A 149 -23.27 3.95 -31.93
N HIS A 150 -22.88 2.70 -31.74
CA HIS A 150 -22.67 1.75 -32.81
C HIS A 150 -21.72 2.30 -33.87
N TYR A 151 -20.52 2.60 -33.41
CA TYR A 151 -19.45 2.74 -34.39
C TYR A 151 -18.95 1.36 -34.77
N PRO A 152 -18.62 1.15 -36.03
CA PRO A 152 -18.14 -0.17 -36.47
C PRO A 152 -17.05 -0.71 -35.56
N THR A 153 -15.97 0.04 -35.45
CA THR A 153 -14.90 -0.26 -34.51
C THR A 153 -14.51 1.04 -33.81
N PHE A 154 -14.16 0.91 -32.53
CA PHE A 154 -13.72 2.03 -31.71
C PHE A 154 -12.21 1.94 -31.50
N ASN A 155 -11.50 2.93 -32.00
CA ASN A 155 -10.05 3.01 -31.87
C ASN A 155 -9.69 4.07 -30.86
N TRP A 156 -8.77 3.74 -29.96
CA TRP A 156 -8.42 4.66 -28.89
C TRP A 156 -6.94 4.56 -28.58
N VAL A 157 -6.38 5.66 -28.09
CA VAL A 157 -5.04 5.63 -27.54
C VAL A 157 -5.09 6.22 -26.14
N ALA A 158 -4.23 5.73 -25.28
CA ALA A 158 -4.27 6.18 -23.91
C ALA A 158 -2.85 6.46 -23.42
N SER A 159 -2.77 7.23 -22.34
CA SER A 159 -1.51 7.43 -21.66
C SER A 159 -1.79 7.66 -20.20
N SER A 160 -0.80 7.38 -19.38
CA SER A 160 -0.90 7.59 -17.95
C SER A 160 0.51 7.55 -17.39
N LEU A 161 0.76 8.38 -16.36
CA LEU A 161 2.02 8.31 -15.63
C LEU A 161 2.33 6.86 -15.29
N TYR A 162 3.49 6.37 -15.79
CA TYR A 162 3.69 4.94 -15.92
C TYR A 162 3.42 4.23 -14.59
N PRO A 163 2.46 3.28 -14.54
CA PRO A 163 1.83 2.53 -13.44
C PRO A 163 2.50 2.66 -12.08
N GLU A 171 -2.04 3.45 -11.27
CA GLU A 171 -1.54 2.10 -11.50
C GLU A 171 -2.56 1.28 -12.33
N ASP A 172 -2.04 0.32 -13.09
CA ASP A 172 -2.80 -0.42 -14.09
C ASP A 172 -3.51 -1.61 -13.44
N HIS A 173 -4.53 -1.28 -12.63
CA HIS A 173 -5.15 -2.26 -11.73
C HIS A 173 -5.96 -3.32 -12.45
N TYR A 174 -6.33 -3.11 -13.72
CA TYR A 174 -7.14 -4.07 -14.47
C TYR A 174 -6.39 -4.67 -15.64
N GLY A 175 -5.08 -4.46 -15.70
CA GLY A 175 -4.30 -4.93 -16.82
C GLY A 175 -4.69 -4.37 -18.17
N LEU A 176 -5.37 -3.22 -18.19
CA LEU A 176 -5.72 -2.60 -19.45
C LEU A 176 -4.47 -2.12 -20.19
N TYR A 177 -3.44 -1.73 -19.45
CA TYR A 177 -2.19 -1.31 -20.09
C TYR A 177 -1.38 -2.50 -20.55
N GLN A 178 -1.24 -3.53 -19.70
CA GLN A 178 -0.41 -4.67 -20.07
C GLN A 178 -0.92 -5.34 -21.34
N CYS A 179 -2.25 -5.39 -21.52
CA CYS A 179 -2.87 -6.18 -22.58
C CYS A 179 -3.05 -5.42 -23.89
N ASN A 180 -2.84 -4.11 -23.90
CA ASN A 180 -3.02 -3.30 -25.10
C ASN A 180 -1.80 -2.41 -25.27
N PRO A 181 -0.63 -3.00 -25.53
CA PRO A 181 0.56 -2.17 -25.76
C PRO A 181 0.43 -1.27 -26.97
N ASP A 182 -0.32 -1.69 -28.00
CA ASP A 182 -0.56 -0.85 -29.17
C ASP A 182 -1.22 0.46 -28.82
N ASN A 183 -2.02 0.49 -27.74
CA ASN A 183 -2.87 1.63 -27.49
C ASN A 183 -2.26 2.66 -26.55
N TRP A 184 -1.22 2.30 -25.80
CA TRP A 184 -0.69 3.16 -24.76
C TRP A 184 0.57 3.86 -25.23
N LEU A 185 0.64 5.16 -24.97
CA LEU A 185 1.64 6.04 -25.55
C LEU A 185 2.75 6.42 -24.58
N MET A 186 2.75 5.89 -23.37
CA MET A 186 3.90 6.07 -22.48
C MET A 186 4.68 4.77 -22.43
N GLN A 187 5.88 4.85 -21.86
CA GLN A 187 6.81 3.73 -21.89
C GLN A 187 7.18 3.31 -20.48
N SER A 188 7.46 2.00 -20.35
CA SER A 188 7.95 1.42 -19.11
C SER A 188 9.32 1.98 -18.76
N PRO A 189 9.71 1.91 -17.49
CA PRO A 189 11.06 2.38 -17.13
C PRO A 189 12.18 1.64 -17.84
N LEU A 190 11.94 0.41 -18.34
CA LEU A 190 13.02 -0.22 -19.11
C LEU A 190 13.30 0.48 -20.46
N LEU A 191 12.63 1.59 -20.78
CA LEU A 191 12.93 2.33 -22.00
C LEU A 191 13.51 3.71 -21.72
N LYS A 192 13.92 4.00 -20.48
CA LYS A 192 14.66 5.21 -20.18
C LYS A 192 15.78 5.13 -21.22
N LYS A 193 15.80 6.05 -22.19
CA LYS A 193 16.83 6.00 -23.22
C LYS A 193 17.80 7.18 -23.12
N TYR A 197 12.30 9.18 -24.54
CA TYR A 197 11.55 8.44 -23.54
C TYR A 197 10.40 9.30 -23.00
N ASN A 198 9.21 8.70 -22.94
CA ASN A 198 7.99 9.35 -22.47
C ASN A 198 7.36 8.47 -21.40
N ASN A 199 7.52 8.86 -20.13
CA ASN A 199 6.87 8.14 -19.05
C ASN A 199 5.44 8.61 -18.81
N GLY A 200 4.90 9.42 -19.73
CA GLY A 200 3.53 9.85 -19.61
C GLY A 200 3.27 10.88 -18.53
N ASP A 201 4.33 11.59 -18.09
CA ASP A 201 4.22 12.67 -17.12
C ASP A 201 3.90 13.95 -17.88
N VAL A 202 2.65 14.40 -17.81
CA VAL A 202 2.23 15.52 -18.64
C VAL A 202 2.65 16.86 -18.06
N THR A 203 3.39 16.88 -16.95
CA THR A 203 3.97 18.12 -16.47
C THR A 203 5.29 18.45 -17.16
N ILE A 204 5.78 17.54 -18.00
CA ILE A 204 7.00 17.72 -18.79
C ILE A 204 6.58 18.13 -20.19
N ALA A 205 7.00 19.34 -20.61
CA ALA A 205 6.65 19.86 -21.93
C ALA A 205 7.00 18.89 -23.06
N SER A 206 8.23 18.35 -23.06
CA SER A 206 8.60 17.45 -24.14
C SER A 206 7.70 16.21 -24.18
N ASN A 207 7.39 15.63 -23.02
CA ASN A 207 6.46 14.50 -22.98
C ASN A 207 5.09 14.89 -23.52
N VAL A 208 4.62 16.09 -23.16
CA VAL A 208 3.31 16.55 -23.64
C VAL A 208 3.30 16.61 -25.16
N LYS A 209 4.24 17.37 -25.74
CA LYS A 209 4.37 17.41 -27.20
C LYS A 209 4.53 16.00 -27.77
N ASN A 210 5.42 15.20 -27.18
CA ASN A 210 5.62 13.84 -27.67
C ASN A 210 4.33 13.04 -27.61
N LEU A 211 3.68 13.03 -26.45
CA LEU A 211 2.40 12.32 -26.29
C LEU A 211 1.42 12.69 -27.39
N ALA A 212 1.31 14.00 -27.68
CA ALA A 212 0.39 14.45 -28.71
C ALA A 212 0.76 13.89 -30.08
N LEU A 213 2.03 14.05 -30.48
CA LEU A 213 2.53 13.46 -31.71
C LEU A 213 2.20 11.98 -31.77
N ARG A 214 2.60 11.23 -30.75
CA ARG A 214 2.29 9.81 -30.69
C ARG A 214 0.81 9.55 -30.88
N ALA A 215 -0.03 10.36 -30.22
CA ALA A 215 -1.47 10.21 -30.36
C ALA A 215 -1.91 10.44 -31.80
N THR A 216 -1.42 11.52 -32.42
CA THR A 216 -1.91 11.88 -33.75
C THR A 216 -1.40 10.93 -34.82
N GLN A 217 -0.33 10.18 -34.55
CA GLN A 217 0.19 9.22 -35.51
C GLN A 217 -0.51 7.88 -35.39
N ARG A 218 -0.66 7.38 -34.17
CA ARG A 218 -1.36 6.13 -33.95
C ARG A 218 -2.85 6.26 -34.20
N LEU A 219 -3.40 7.48 -34.16
CA LEU A 219 -4.88 7.67 -34.31
C LEU A 219 -5.24 8.93 -35.14
N THR A 220 -5.88 8.72 -36.29
CA THR A 220 -6.25 9.84 -37.17
C THR A 220 -7.65 9.61 -37.69
N PRO A 221 -8.61 10.51 -37.39
CA PRO A 221 -8.31 11.66 -36.54
C PRO A 221 -8.57 11.37 -35.06
N ILE A 222 -8.66 12.43 -34.25
CA ILE A 222 -8.98 12.27 -32.80
C ILE A 222 -10.23 13.09 -32.50
N HIS A 223 -11.33 12.44 -32.15
CA HIS A 223 -12.61 13.09 -31.95
C HIS A 223 -12.92 13.37 -30.49
N LEU A 224 -12.21 12.70 -29.58
CA LEU A 224 -12.50 12.79 -28.16
C LEU A 224 -11.19 12.70 -27.41
N TYR A 225 -10.89 13.75 -26.66
CA TYR A 225 -9.76 13.79 -25.77
C TYR A 225 -10.27 13.84 -24.33
N THR A 226 -9.74 12.98 -23.47
CA THR A 226 -10.08 13.04 -22.07
C THR A 226 -8.79 13.02 -21.27
N ALA A 227 -8.87 13.56 -20.06
CA ALA A 227 -7.73 13.66 -19.16
C ALA A 227 -8.29 13.63 -17.76
N ASP A 228 -7.79 12.70 -16.94
CA ASP A 228 -8.41 12.38 -15.66
C ASP A 228 -7.40 12.44 -14.53
N GLY A 229 -6.41 13.29 -14.66
CA GLY A 229 -5.32 13.30 -13.70
C GLY A 229 -5.56 14.26 -12.55
N GLY A 230 -5.07 13.85 -11.38
CA GLY A 230 -5.16 14.68 -10.20
C GLY A 230 -4.14 14.16 -9.22
N ILE A 231 -3.35 15.06 -8.64
CA ILE A 231 -2.47 14.76 -7.51
C ILE A 231 -3.34 14.81 -6.26
N TYR A 237 -5.72 20.27 1.01
CA TYR A 237 -6.94 20.55 0.23
C TYR A 237 -7.06 22.06 -0.11
N ASN A 238 -6.41 22.92 0.69
CA ASN A 238 -6.44 24.36 0.41
C ASN A 238 -5.76 24.69 -0.89
N LYS A 239 -4.75 23.90 -1.26
CA LYS A 239 -3.96 24.13 -2.45
C LYS A 239 -4.16 23.04 -3.49
N GLN A 240 -5.20 22.20 -3.36
CA GLN A 240 -5.39 21.11 -4.31
C GLN A 240 -5.35 21.63 -5.74
N GLU A 241 -6.12 22.69 -6.02
CA GLU A 241 -6.08 23.30 -7.34
C GLU A 241 -4.67 23.73 -7.70
N GLU A 242 -4.02 24.43 -6.76
CA GLU A 242 -2.70 25.00 -7.03
C GLU A 242 -1.63 23.92 -7.16
N LEU A 243 -1.75 22.85 -6.37
CA LEU A 243 -0.82 21.72 -6.52
C LEU A 243 -0.98 21.05 -7.87
N ASN A 244 -2.12 21.23 -8.51
CA ASN A 244 -2.46 20.53 -9.74
C ASN A 244 -2.38 21.39 -10.98
N LEU A 245 -2.08 22.69 -10.83
CA LEU A 245 -2.02 23.59 -11.97
C LEU A 245 -1.18 23.01 -13.09
N LYS A 246 0.05 22.60 -12.78
CA LYS A 246 0.94 22.07 -13.79
C LYS A 246 0.33 20.85 -14.44
N LEU A 247 -0.10 19.88 -13.63
CA LEU A 247 -0.71 18.67 -14.14
C LEU A 247 -1.86 18.99 -15.08
N HIS A 248 -2.76 19.86 -14.64
CA HIS A 248 -3.93 20.18 -15.43
C HIS A 248 -3.58 21.02 -16.64
N PHE A 249 -2.51 21.82 -16.54
CA PHE A 249 -2.03 22.51 -17.73
C PHE A 249 -1.50 21.50 -18.76
N GLY A 250 -0.62 20.60 -18.35
CA GLY A 250 -0.16 19.55 -19.24
C GLY A 250 -1.30 18.74 -19.85
N GLN A 251 -2.22 18.26 -19.00
CA GLN A 251 -3.45 17.62 -19.49
C GLN A 251 -4.07 18.42 -20.63
N ALA A 252 -4.30 19.70 -20.35
CA ALA A 252 -4.93 20.59 -21.31
C ALA A 252 -4.11 20.67 -22.60
N LEU A 253 -2.81 20.93 -22.47
CA LEU A 253 -1.96 21.06 -23.64
C LEU A 253 -1.91 19.76 -24.45
N THR A 254 -1.86 18.60 -23.76
CA THR A 254 -1.80 17.35 -24.51
C THR A 254 -3.03 17.21 -25.39
N GLY A 255 -4.20 17.51 -24.85
CA GLY A 255 -5.40 17.43 -25.66
C GLY A 255 -5.42 18.48 -26.76
N LEU A 256 -5.16 19.73 -26.40
CA LEU A 256 -5.24 20.82 -27.36
C LEU A 256 -4.26 20.64 -28.52
N LEU A 257 -3.13 19.98 -28.27
CA LEU A 257 -2.15 19.70 -29.31
C LEU A 257 -2.52 18.52 -30.18
N SER A 258 -3.52 17.71 -29.80
CA SER A 258 -3.86 16.53 -30.58
C SER A 258 -5.34 16.40 -30.89
N LEU A 259 -6.22 17.13 -30.22
CA LEU A 259 -7.64 17.02 -30.46
C LEU A 259 -7.95 17.60 -31.84
N SER A 260 -8.47 16.77 -32.75
CA SER A 260 -8.66 17.26 -34.10
C SER A 260 -9.80 18.27 -34.15
N LYS A 261 -9.88 18.98 -35.27
CA LYS A 261 -10.96 19.91 -35.50
C LYS A 261 -12.31 19.20 -35.39
N GLY A 262 -13.30 19.91 -34.84
CA GLY A 262 -14.57 19.30 -34.54
C GLY A 262 -14.56 18.40 -33.33
N GLY A 263 -13.40 18.14 -32.75
CA GLY A 263 -13.31 17.19 -31.66
C GLY A 263 -13.73 17.76 -30.33
N ASN A 264 -13.77 16.88 -29.35
CA ASN A 264 -14.31 17.20 -28.04
C ASN A 264 -13.31 16.87 -26.97
N MET A 265 -13.48 17.53 -25.83
CA MET A 265 -12.50 17.41 -24.77
C MET A 265 -13.22 17.31 -23.44
N ILE A 266 -12.67 16.49 -22.54
CA ILE A 266 -13.17 16.35 -21.17
C ILE A 266 -11.95 16.45 -20.26
N LEU A 267 -11.87 17.51 -19.49
CA LEU A 267 -10.75 17.77 -18.61
C LEU A 267 -11.24 17.76 -17.17
N LYS A 268 -10.61 16.94 -16.33
CA LYS A 268 -10.90 16.97 -14.90
C LYS A 268 -10.19 18.15 -14.23
N HIS A 269 -10.95 18.92 -13.47
CA HIS A 269 -10.41 20.02 -12.69
C HIS A 269 -10.90 19.95 -11.26
N TYR A 270 -10.50 20.94 -10.49
CA TYR A 270 -11.03 21.06 -9.13
C TYR A 270 -11.82 22.33 -8.86
N THR A 271 -11.20 23.34 -8.25
CA THR A 271 -12.00 24.45 -7.71
C THR A 271 -12.19 25.62 -8.65
N LEU A 272 -11.37 25.76 -9.68
CA LEU A 272 -11.54 26.84 -10.67
C LEU A 272 -11.42 28.24 -10.06
N ASN A 273 -10.66 28.42 -8.96
CA ASN A 273 -10.50 29.75 -8.40
C ASN A 273 -9.15 30.39 -8.67
N HIS A 274 -8.09 29.62 -8.90
CA HIS A 274 -6.80 30.24 -9.19
C HIS A 274 -6.84 30.97 -10.54
N ALA A 275 -6.09 32.08 -10.61
CA ALA A 275 -6.08 32.90 -11.82
C ALA A 275 -5.46 32.16 -12.99
N PHE A 276 -4.55 31.23 -12.73
CA PHE A 276 -4.04 30.43 -13.82
C PHE A 276 -5.14 29.56 -14.41
N THR A 277 -5.85 28.81 -13.53
CA THR A 277 -6.96 27.99 -13.96
C THR A 277 -7.95 28.76 -14.82
N LEU A 278 -8.39 29.91 -14.30
CA LEU A 278 -9.33 30.75 -15.04
C LEU A 278 -8.75 31.19 -16.37
N SER A 279 -7.47 31.55 -16.40
CA SER A 279 -6.82 31.92 -17.64
C SER A 279 -6.72 30.74 -18.59
N LEU A 280 -6.62 29.53 -18.05
CA LEU A 280 -6.57 28.36 -18.91
C LEU A 280 -7.94 28.10 -19.53
N ILE A 281 -9.00 28.23 -18.72
CA ILE A 281 -10.35 28.16 -19.25
C ILE A 281 -10.52 29.19 -20.35
N CYS A 282 -9.97 30.39 -20.13
CA CYS A 282 -9.93 31.41 -21.16
C CYS A 282 -9.31 30.90 -22.44
N VAL A 283 -8.16 30.24 -22.35
CA VAL A 283 -7.58 29.71 -23.57
C VAL A 283 -8.56 28.77 -24.25
N PHE A 284 -9.16 27.86 -23.48
CA PHE A 284 -10.11 26.90 -24.03
C PHE A 284 -11.17 27.59 -24.86
N SER A 285 -11.69 28.71 -24.36
CA SER A 285 -12.82 29.40 -24.96
C SER A 285 -12.54 29.90 -26.38
N HIS A 286 -11.29 29.85 -26.85
CA HIS A 286 -11.01 30.23 -28.22
C HIS A 286 -11.11 29.07 -29.19
N PHE A 287 -11.27 27.84 -28.69
CA PHE A 287 -11.06 26.67 -29.52
C PHE A 287 -12.27 25.77 -29.65
N PHE A 288 -13.34 25.99 -28.90
CA PHE A 288 -14.49 25.11 -28.96
C PHE A 288 -15.74 25.93 -29.23
N GLU A 289 -16.68 25.32 -29.95
CA GLU A 289 -17.93 26.01 -30.25
C GLU A 289 -18.77 26.16 -28.99
N GLU A 290 -18.75 25.15 -28.12
CA GLU A 290 -19.39 25.23 -26.82
C GLU A 290 -18.35 24.87 -25.77
N LEU A 291 -18.58 25.35 -24.55
CA LEU A 291 -17.64 25.15 -23.47
C LEU A 291 -18.41 25.12 -22.15
N TYR A 292 -18.18 24.09 -21.35
CA TYR A 292 -18.95 23.92 -20.13
C TYR A 292 -18.04 23.63 -18.95
N ILE A 293 -18.50 24.05 -17.78
CA ILE A 293 -18.06 23.46 -16.53
C ILE A 293 -19.17 22.55 -16.08
N THR A 294 -18.82 21.36 -15.65
CA THR A 294 -19.81 20.36 -15.31
C THR A 294 -19.41 19.69 -14.01
N LYS A 295 -20.44 19.27 -13.28
CA LYS A 295 -20.29 18.35 -12.15
C LYS A 295 -21.31 17.26 -12.36
N PRO A 296 -20.91 16.12 -12.92
CA PRO A 296 -21.82 14.97 -12.98
C PRO A 296 -22.28 14.61 -11.57
N THR A 297 -23.53 14.13 -11.47
CA THR A 297 -24.00 13.60 -10.20
C THR A 297 -23.08 12.50 -9.68
N SER A 298 -22.48 11.70 -10.56
CA SER A 298 -21.57 10.66 -10.08
C SER A 298 -20.19 11.18 -9.75
N SER A 299 -19.90 12.46 -10.00
CA SER A 299 -18.77 13.10 -9.35
C SER A 299 -19.20 13.51 -7.95
N ARG A 300 -18.43 13.12 -6.96
CA ARG A 300 -18.88 13.15 -5.58
C ARG A 300 -19.21 14.59 -5.20
N PRO A 301 -20.43 14.90 -4.77
CA PRO A 301 -20.81 16.31 -4.53
C PRO A 301 -20.03 16.92 -3.39
N THR A 302 -19.40 16.12 -2.54
CA THR A 302 -18.66 16.63 -1.42
C THR A 302 -17.24 17.06 -1.78
N ASN A 303 -16.70 16.63 -2.92
CA ASN A 303 -15.41 17.14 -3.35
C ASN A 303 -15.60 18.19 -4.45
N SER A 304 -14.53 18.90 -4.75
CA SER A 304 -14.58 20.04 -5.65
C SER A 304 -14.37 19.65 -7.10
N GLU A 305 -14.34 18.36 -7.41
CA GLU A 305 -13.99 17.90 -8.76
C GLU A 305 -14.96 18.46 -9.78
N THR A 306 -14.42 19.02 -10.86
CA THR A 306 -15.21 19.50 -11.98
C THR A 306 -14.70 18.90 -13.28
N TYR A 307 -15.53 18.99 -14.31
CA TYR A 307 -15.13 18.52 -15.63
C TYR A 307 -15.36 19.64 -16.63
N ILE A 308 -14.28 20.18 -17.16
CA ILE A 308 -14.39 21.13 -18.25
C ILE A 308 -14.60 20.34 -19.55
N VAL A 309 -15.63 20.70 -20.30
CA VAL A 309 -16.01 20.00 -21.51
C VAL A 309 -16.05 21.01 -22.66
N GLY A 310 -15.19 20.80 -23.65
CA GLY A 310 -15.28 21.52 -24.90
C GLY A 310 -15.93 20.66 -25.97
N LYS A 311 -16.88 21.25 -26.68
CA LYS A 311 -17.57 20.58 -27.77
C LYS A 311 -17.26 21.27 -29.09
N ASN A 312 -16.98 20.48 -30.12
CA ASN A 312 -16.73 20.96 -31.52
C ASN A 312 -15.52 21.87 -31.74
N ARG A 313 -14.34 21.34 -31.51
CA ARG A 313 -13.16 22.17 -31.76
C ARG A 313 -13.20 22.96 -33.07
N LEU A 314 -13.10 24.29 -32.96
CA LEU A 314 -13.25 25.14 -34.13
C LEU A 314 -11.95 25.34 -34.90
N ARG A 315 -10.82 25.23 -34.21
CA ARG A 315 -9.53 25.44 -34.86
C ARG A 315 -8.43 24.84 -34.00
N LEU A 316 -7.28 24.58 -34.64
CA LEU A 316 -6.06 24.13 -33.99
C LEU A 316 -5.19 25.30 -33.58
N PHE A 317 -4.19 25.01 -32.74
CA PHE A 317 -3.17 26.00 -32.42
C PHE A 317 -2.47 26.45 -33.69
N THR A 318 -2.11 27.73 -33.75
CA THR A 318 -1.05 28.16 -34.64
C THR A 318 0.29 27.66 -34.10
N PRO A 319 1.32 27.58 -34.94
CA PRO A 319 2.65 27.20 -34.43
C PRO A 319 3.08 28.01 -33.22
N LYS A 320 2.90 29.33 -33.28
CA LYS A 320 3.32 30.15 -32.16
C LYS A 320 2.54 29.77 -30.90
N GLU A 321 1.21 29.65 -31.00
CA GLU A 321 0.43 29.28 -29.82
C GLU A 321 0.96 28.00 -29.20
N GLU A 322 1.34 27.02 -30.04
CA GLU A 322 1.98 25.82 -29.52
C GLU A 322 3.28 26.15 -28.79
N GLN A 323 4.19 26.90 -29.44
CA GLN A 323 5.48 27.23 -28.82
C GLN A 323 5.29 28.00 -27.51
N VAL A 324 4.44 29.03 -27.53
CA VAL A 324 4.23 29.84 -26.33
C VAL A 324 3.69 28.98 -25.19
N LEU A 325 2.66 28.18 -25.48
CA LEU A 325 2.03 27.36 -24.46
C LEU A 325 2.97 26.28 -23.93
N LEU A 326 3.67 25.58 -24.83
CA LEU A 326 4.59 24.55 -24.37
C LEU A 326 5.74 25.15 -23.59
N LYS A 327 6.28 26.29 -24.06
CA LYS A 327 7.30 26.98 -23.28
C LYS A 327 6.75 27.37 -21.92
N ARG A 328 5.49 27.80 -21.90
CA ARG A 328 4.80 28.11 -20.64
C ARG A 328 4.78 26.92 -19.69
N LEU A 329 4.64 25.71 -20.22
CA LEU A 329 4.65 24.55 -19.35
C LEU A 329 6.06 24.16 -18.98
N GLU A 330 7.01 24.42 -19.87
CA GLU A 330 8.40 24.01 -19.64
C GLU A 330 9.02 24.74 -18.46
N PHE A 331 8.78 26.05 -18.36
CA PHE A 331 9.26 26.88 -17.26
C PHE A 331 8.06 27.47 -16.55
N PHE A 332 7.38 26.64 -15.79
CA PHE A 332 6.03 26.89 -15.34
C PHE A 332 5.96 27.90 -14.19
N ASN A 333 5.02 28.84 -14.28
CA ASN A 333 4.59 29.61 -13.11
C ASN A 333 3.11 29.98 -13.21
N ASP A 334 2.63 30.49 -12.07
CA ASP A 334 1.26 30.92 -11.77
C ASP A 334 0.68 31.91 -12.76
N THR A 335 1.51 32.66 -13.46
CA THR A 335 1.00 33.86 -14.13
C THR A 335 -0.05 33.47 -15.15
N PRO A 336 -1.14 34.23 -15.27
CA PRO A 336 -2.20 33.87 -16.22
C PRO A 336 -1.64 33.72 -17.63
N LEU A 337 -2.23 32.77 -18.37
CA LEU A 337 -1.89 32.58 -19.78
C LEU A 337 -2.33 33.76 -20.65
N VAL A 338 -3.41 34.44 -20.27
CA VAL A 338 -3.94 35.57 -21.02
C VAL A 338 -4.19 36.73 -20.07
N ASP A 339 -4.53 37.87 -20.65
CA ASP A 339 -5.07 38.98 -19.87
C ASP A 339 -6.49 38.61 -19.44
N LEU A 340 -6.63 38.18 -18.19
CA LEU A 340 -7.93 37.85 -17.63
C LEU A 340 -8.94 38.97 -17.80
N SER A 341 -8.48 40.21 -17.89
CA SER A 341 -9.44 41.31 -17.95
C SER A 341 -10.15 41.41 -19.30
N LEU A 342 -9.72 40.66 -20.32
CA LEU A 342 -10.43 40.60 -21.60
C LEU A 342 -11.47 39.50 -21.66
N TYR A 343 -11.83 38.92 -20.52
CA TYR A 343 -12.74 37.78 -20.49
C TYR A 343 -13.78 37.94 -19.39
N GLN A 344 -14.21 39.18 -19.15
CA GLN A 344 -15.18 39.44 -18.08
C GLN A 344 -16.37 38.51 -18.17
N ASN A 345 -16.96 38.38 -19.36
CA ASN A 345 -18.16 37.57 -19.54
C ASN A 345 -17.92 36.12 -19.16
N LEU A 346 -16.92 35.50 -19.77
CA LEU A 346 -16.52 34.14 -19.42
C LEU A 346 -16.29 34.01 -17.93
N LEU A 347 -15.49 34.93 -17.39
CA LEU A 347 -15.15 34.88 -15.98
C LEU A 347 -16.40 34.93 -15.12
N GLU A 348 -17.41 35.68 -15.55
CA GLU A 348 -18.69 35.65 -14.85
C GLU A 348 -19.34 34.28 -14.96
N SER A 349 -19.30 33.67 -16.13
CA SER A 349 -19.92 32.35 -16.26
C SER A 349 -19.16 31.31 -15.46
N VAL A 350 -17.85 31.45 -15.34
CA VAL A 350 -17.09 30.53 -14.50
C VAL A 350 -17.48 30.73 -13.04
N TYR A 351 -17.54 31.99 -12.60
CA TYR A 351 -17.94 32.26 -11.24
C TYR A 351 -19.29 31.61 -10.93
N PHE A 352 -20.26 31.79 -11.83
CA PHE A 352 -21.53 31.11 -11.67
C PHE A 352 -21.35 29.60 -11.55
N ALA A 353 -20.43 29.03 -12.33
CA ALA A 353 -20.13 27.61 -12.16
C ALA A 353 -19.56 27.34 -10.77
N VAL A 354 -18.60 28.14 -10.34
CA VAL A 354 -18.05 27.97 -9.00
C VAL A 354 -19.13 28.16 -7.94
N GLU A 355 -19.97 29.16 -8.13
CA GLU A 355 -21.10 29.39 -7.25
C GLU A 355 -22.00 28.17 -7.16
N THR A 356 -22.36 27.60 -8.32
CA THR A 356 -23.31 26.49 -8.36
C THR A 356 -22.70 25.19 -7.85
N ILE A 357 -21.48 24.89 -8.29
CA ILE A 357 -20.87 23.61 -7.92
C ILE A 357 -20.22 23.68 -6.54
N HIS A 358 -19.44 24.72 -6.29
CA HIS A 358 -18.61 24.71 -5.10
C HIS A 358 -19.30 25.41 -3.92
N LEU A 359 -19.63 26.70 -4.08
CA LEU A 359 -20.15 27.46 -2.94
C LEU A 359 -21.55 27.00 -2.53
N LYS A 360 -22.39 26.60 -3.48
CA LYS A 360 -23.71 26.08 -3.14
C LYS A 360 -23.84 24.57 -2.94
N GLN A 361 -23.69 23.77 -4.00
CA GLN A 361 -23.75 22.32 -3.86
C GLN A 361 -22.68 21.77 -2.91
N GLN A 362 -21.39 21.95 -3.24
CA GLN A 362 -20.38 21.23 -2.47
C GLN A 362 -20.40 21.65 -1.00
N ILE A 363 -20.64 22.93 -0.73
CA ILE A 363 -20.67 23.39 0.66
C ILE A 363 -21.89 22.83 1.38
N GLU A 364 -23.03 22.75 0.69
CA GLU A 364 -24.20 22.15 1.33
C GLU A 364 -23.95 20.69 1.67
N PHE A 365 -23.28 19.96 0.77
CA PHE A 365 -23.07 18.53 0.99
C PHE A 365 -22.00 18.28 2.05
N LEU A 366 -20.95 19.11 2.09
CA LEU A 366 -20.03 19.03 3.23
C LEU A 366 -20.75 19.35 4.55
N ASN A 367 -21.55 20.41 4.57
CA ASN A 367 -22.35 20.73 5.76
C ASN A 367 -23.20 19.54 6.15
N PHE A 368 -23.89 18.97 5.16
CA PHE A 368 -24.72 17.80 5.36
C PHE A 368 -23.93 16.66 5.97
N GLY A 369 -22.72 16.40 5.45
CA GLY A 369 -21.86 15.38 6.02
C GLY A 369 -21.50 15.66 7.48
N MET A 370 -21.16 16.93 7.78
CA MET A 370 -20.84 17.29 9.17
C MET A 370 -22.05 17.14 10.07
N LYS A 371 -23.24 17.49 9.58
CA LYS A 371 -24.45 17.27 10.35
C LYS A 371 -24.70 15.78 10.57
N CYS A 372 -24.42 14.97 9.53
CA CYS A 372 -24.50 13.52 9.70
C CYS A 372 -23.44 13.04 10.69
N TYR A 373 -22.23 13.60 10.63
CA TYR A 373 -21.23 13.19 11.61
C TYR A 373 -21.72 13.45 13.02
N ARG A 374 -22.18 14.68 13.31
CA ARG A 374 -22.52 15.03 14.68
C ARG A 374 -23.63 14.14 15.22
N HIS A 375 -24.66 13.90 14.42
CA HIS A 375 -25.80 13.13 14.89
C HIS A 375 -25.63 11.62 14.72
N PHE A 376 -24.65 11.16 13.97
CA PHE A 376 -24.58 9.73 13.74
C PHE A 376 -23.18 9.17 13.86
N TYR A 377 -22.21 9.91 14.42
CA TYR A 377 -20.84 9.42 14.46
C TYR A 377 -20.75 8.07 15.17
N ASN A 378 -21.63 7.81 16.13
CA ASN A 378 -21.70 6.53 16.81
C ASN A 378 -22.86 5.66 16.33
N LYS A 379 -23.70 6.17 15.41
CA LYS A 379 -24.87 5.46 14.93
C LYS A 379 -24.78 5.21 13.42
N ILE A 380 -23.62 4.72 12.96
CA ILE A 380 -23.37 4.59 11.52
C ILE A 380 -24.43 3.72 10.87
N LYS A 381 -24.68 2.55 11.47
CA LYS A 381 -25.66 1.62 10.90
C LYS A 381 -27.03 2.28 10.80
N LEU A 382 -27.37 3.10 11.78
CA LEU A 382 -28.67 3.78 11.73
C LEU A 382 -28.72 4.75 10.55
N LEU A 383 -27.68 5.55 10.36
CA LEU A 383 -27.69 6.50 9.26
C LEU A 383 -27.79 5.79 7.92
N ASN A 384 -27.07 4.66 7.78
CA ASN A 384 -27.16 3.88 6.54
C ASN A 384 -28.57 3.34 6.31
N ASP A 385 -29.22 2.88 7.37
CA ASP A 385 -30.62 2.47 7.29
C ASP A 385 -31.48 3.62 6.79
N TYR A 386 -31.30 4.81 7.37
CA TYR A 386 -32.09 5.96 6.95
C TYR A 386 -31.88 6.28 5.48
N LEU A 387 -30.66 6.11 4.99
CA LEU A 387 -30.33 6.57 3.66
C LEU A 387 -30.44 5.48 2.60
N ALA A 388 -30.49 4.21 3.01
CA ALA A 388 -30.57 3.12 2.03
C ALA A 388 -31.71 3.32 1.03
N PRO A 389 -32.96 3.51 1.45
CA PRO A 389 -34.01 3.77 0.44
C PRO A 389 -33.67 4.93 -0.48
N LYS A 390 -33.22 6.05 0.08
CA LYS A 390 -32.79 7.15 -0.78
C LYS A 390 -31.67 6.72 -1.72
N LYS A 391 -30.73 5.91 -1.23
CA LYS A 391 -29.61 5.51 -2.08
C LYS A 391 -30.10 4.76 -3.33
N LYS A 392 -31.17 3.98 -3.18
CA LYS A 392 -31.69 3.23 -4.32
C LYS A 392 -32.45 4.13 -5.30
N ILE A 393 -33.16 5.13 -4.78
CA ILE A 393 -33.86 6.07 -5.65
C ILE A 393 -32.86 6.90 -6.44
N PHE A 394 -31.77 7.32 -5.78
CA PHE A 394 -30.72 8.07 -6.45
C PHE A 394 -30.07 7.22 -7.53
N GLN A 395 -29.78 5.97 -7.21
CA GLN A 395 -29.10 5.11 -8.17
C GLN A 395 -30.06 4.69 -9.30
N ASP A 396 -31.32 4.36 -8.98
CA ASP A 396 -32.29 4.09 -10.04
C ASP A 396 -32.46 5.30 -10.95
N ARG A 397 -32.36 6.50 -10.38
CA ARG A 397 -32.48 7.70 -11.19
C ARG A 397 -31.31 7.80 -12.15
N TRP A 398 -30.10 7.59 -11.63
CA TRP A 398 -28.94 7.71 -12.49
C TRP A 398 -29.02 6.72 -13.64
N ARG A 399 -29.52 5.51 -13.37
CA ARG A 399 -29.64 4.49 -14.40
C ARG A 399 -30.69 4.86 -15.44
N VAL A 400 -31.75 5.55 -15.03
CA VAL A 400 -32.77 5.98 -15.96
C VAL A 400 -32.28 7.16 -16.80
N LEU A 401 -31.54 8.08 -16.17
CA LEU A 401 -31.01 9.24 -16.86
C LEU A 401 -29.89 8.88 -17.83
N ASN A 402 -29.11 7.85 -17.51
CA ASN A 402 -27.96 7.43 -18.32
C ASN A 402 -28.20 5.97 -18.67
N LYS A 403 -29.05 5.74 -19.67
CA LYS A 403 -29.52 4.40 -19.99
C LYS A 403 -28.35 3.48 -20.30
N LEU A 404 -28.44 2.27 -19.81
CA LEU A 404 -27.39 1.30 -19.92
C LEU A 404 -27.93 0.11 -20.67
N TYR A 405 -27.07 -0.49 -21.48
CA TYR A 405 -27.38 -1.70 -22.18
C TYR A 405 -26.22 -2.66 -22.02
N VAL A 406 -26.54 -3.95 -22.04
CA VAL A 406 -25.53 -4.97 -21.85
C VAL A 406 -24.48 -4.86 -22.94
N LEU A 407 -23.21 -4.85 -22.55
CA LEU A 407 -22.10 -4.80 -23.49
C LEU A 407 -21.76 -6.21 -23.98
N GLU A 408 -21.76 -6.40 -25.30
CA GLU A 408 -21.48 -7.72 -25.85
C GLU A 408 -20.04 -8.11 -25.56
N LYS A 409 -19.81 -9.42 -25.46
CA LYS A 409 -18.49 -9.93 -25.11
C LYS A 409 -17.45 -9.58 -26.18
N LYS A 410 -17.84 -9.61 -27.45
CA LYS A 410 -16.89 -9.32 -28.53
C LYS A 410 -16.46 -7.87 -28.58
N HIS A 411 -16.97 -7.02 -27.68
CA HIS A 411 -16.57 -5.63 -27.62
C HIS A 411 -15.91 -5.26 -26.30
N LYS A 412 -15.84 -6.18 -25.34
CA LYS A 412 -15.06 -5.97 -24.14
C LYS A 412 -13.64 -5.57 -24.50
N LEU A 413 -13.10 -4.58 -23.78
CA LEU A 413 -11.66 -4.35 -23.82
C LEU A 413 -10.95 -5.61 -23.36
N LYS A 414 -9.73 -5.79 -23.84
CA LYS A 414 -8.91 -6.92 -23.42
C LYS A 414 -8.16 -6.52 -22.17
N LEU A 415 -8.34 -7.29 -21.10
CA LEU A 415 -7.76 -7.01 -19.80
C LEU A 415 -6.81 -8.12 -19.40
N CYS A 416 -5.68 -7.75 -18.79
CA CYS A 416 -4.69 -8.70 -18.31
C CYS A 416 -4.82 -9.03 -16.83
N ALA A 417 -5.75 -8.38 -16.11
CA ALA A 417 -5.91 -8.58 -14.66
C ALA A 417 -7.38 -8.72 -14.31
N TYR B 13 32.21 1.43 35.20
CA TYR B 13 33.26 0.84 36.01
C TYR B 13 33.67 -0.52 35.42
N ASP B 14 34.16 -1.43 36.27
CA ASP B 14 34.75 -2.67 35.79
C ASP B 14 33.79 -3.44 34.88
N TRP B 15 32.62 -3.77 35.42
CA TRP B 15 31.64 -4.66 34.80
C TRP B 15 31.42 -4.32 33.33
N LEU B 16 31.70 -3.07 32.95
CA LEU B 16 31.33 -2.54 31.65
C LEU B 16 32.25 -3.00 30.53
N LYS B 17 33.48 -3.35 30.87
CA LYS B 17 34.48 -3.76 29.89
C LYS B 17 34.70 -5.25 29.83
N THR B 18 34.45 -5.95 30.94
CA THR B 18 34.52 -7.39 31.02
C THR B 18 33.47 -8.14 30.22
N VAL B 19 32.55 -7.41 29.59
CA VAL B 19 31.55 -8.01 28.73
C VAL B 19 32.11 -9.00 27.72
N GLU B 20 31.69 -10.25 27.83
CA GLU B 20 32.18 -11.18 26.80
C GLU B 20 31.35 -11.07 25.53
N PRO B 21 31.99 -11.14 24.36
CA PRO B 21 31.24 -11.35 23.12
C PRO B 21 30.38 -12.61 23.24
N THR B 22 29.26 -12.59 22.53
CA THR B 22 28.30 -13.68 22.56
C THR B 22 28.50 -14.57 21.34
N ASN B 23 28.01 -15.79 21.44
CA ASN B 23 28.09 -16.73 20.34
C ASN B 23 26.75 -16.85 19.65
N PHE B 24 26.80 -17.16 18.37
CA PHE B 24 25.60 -17.65 17.69
C PHE B 24 25.21 -18.92 18.43
N LEU B 25 24.09 -18.90 19.14
CA LEU B 25 23.65 -20.07 19.87
C LEU B 25 22.84 -20.94 18.94
N LYS B 26 23.23 -22.20 18.81
CA LYS B 26 22.64 -23.12 17.84
C LYS B 26 22.60 -24.48 18.52
N ILE B 27 21.41 -24.93 18.86
CA ILE B 27 21.21 -26.16 19.60
C ILE B 27 20.44 -27.13 18.72
N GLY B 28 21.09 -28.21 18.34
CA GLY B 28 20.44 -29.20 17.50
C GLY B 28 19.41 -30.00 18.28
N LEU B 29 18.33 -30.31 17.62
CA LEU B 29 17.38 -31.20 18.24
C LEU B 29 17.46 -32.57 17.59
N PRO B 30 17.43 -33.64 18.38
CA PRO B 30 17.65 -34.98 17.83
C PRO B 30 16.48 -35.41 16.96
N TYR B 31 16.79 -36.13 15.88
CA TYR B 31 15.74 -36.53 14.95
C TYR B 31 14.89 -37.63 15.56
N GLN B 32 13.59 -37.58 15.29
CA GLN B 32 12.62 -38.46 15.93
C GLN B 32 12.21 -39.57 14.97
N ALA B 33 12.62 -40.80 15.29
CA ALA B 33 12.46 -41.93 14.37
C ALA B 33 10.99 -42.32 14.21
N HIS B 34 10.23 -42.31 15.31
CA HIS B 34 8.87 -42.81 15.30
C HIS B 34 7.93 -41.92 14.48
N PRO B 35 6.88 -42.51 13.91
CA PRO B 35 5.88 -41.70 13.19
C PRO B 35 5.15 -40.72 14.09
N LEU B 36 4.59 -39.70 13.46
CA LEU B 36 3.89 -38.62 14.15
C LEU B 36 2.43 -39.00 14.41
N HIS B 37 1.99 -38.85 15.66
CA HIS B 37 0.58 -39.01 16.00
C HIS B 37 0.12 -37.70 16.62
N LEU B 38 -0.75 -36.99 15.93
CA LEU B 38 -1.44 -35.82 16.49
C LEU B 38 -2.65 -36.32 17.26
N GLN B 39 -2.62 -36.22 18.59
CA GLN B 39 -3.78 -36.69 19.36
C GLN B 39 -4.56 -35.55 19.99
N ALA B 42 -4.41 -33.37 26.71
CA ALA B 42 -3.63 -34.43 26.08
C ALA B 42 -3.57 -35.68 26.97
N THR B 43 -2.37 -35.94 27.50
CA THR B 43 -2.11 -37.03 28.44
C THR B 43 -1.30 -36.49 29.61
N THR B 44 -1.02 -37.37 30.58
CA THR B 44 -0.19 -37.03 31.73
C THR B 44 1.15 -36.52 31.22
N PRO B 45 1.46 -35.24 31.42
CA PRO B 45 2.64 -34.67 30.79
C PRO B 45 3.91 -35.27 31.40
N PRO B 46 4.99 -35.32 30.64
CA PRO B 46 6.25 -35.81 31.21
C PRO B 46 6.79 -34.85 32.27
N SER B 47 7.51 -35.43 33.23
CA SER B 47 7.97 -34.66 34.37
C SER B 47 8.87 -33.51 33.95
N ILE B 48 9.57 -33.64 32.81
CA ILE B 48 10.46 -32.57 32.37
C ILE B 48 9.70 -31.26 32.17
N LEU B 49 8.41 -31.32 31.80
CA LEU B 49 7.61 -30.10 31.71
C LEU B 49 7.76 -29.23 32.95
N GLU B 50 7.97 -29.85 34.12
CA GLU B 50 8.14 -29.10 35.36
C GLU B 50 9.41 -28.24 35.33
N LYS B 51 10.50 -28.77 34.75
CA LYS B 51 11.70 -27.97 34.56
C LYS B 51 11.41 -26.73 33.73
N PHE B 52 10.67 -26.90 32.64
CA PHE B 52 10.29 -25.79 31.77
C PHE B 52 9.45 -24.74 32.50
N LYS B 53 8.52 -25.18 33.38
CA LYS B 53 7.73 -24.22 34.12
C LYS B 53 8.61 -23.47 35.13
N ARG B 54 9.58 -24.15 35.72
CA ARG B 54 10.54 -23.47 36.58
C ARG B 54 11.37 -22.46 35.80
N ALA B 55 11.70 -22.78 34.55
CA ALA B 55 12.41 -21.84 33.70
C ALA B 55 11.55 -20.62 33.42
N ASP B 56 10.28 -20.86 33.11
CA ASP B 56 9.36 -19.77 32.81
C ASP B 56 9.12 -18.89 34.04
N ILE B 57 8.97 -19.49 35.22
CA ILE B 57 8.84 -18.70 36.44
C ILE B 57 10.11 -17.88 36.66
N LEU B 58 11.27 -18.53 36.53
CA LEU B 58 12.53 -17.82 36.74
C LEU B 58 12.69 -16.69 35.74
N LEU B 59 12.51 -16.98 34.46
CA LEU B 59 12.70 -15.96 33.44
C LEU B 59 11.68 -14.84 33.57
N ASN B 60 10.45 -15.16 33.95
CA ASN B 60 9.49 -14.09 34.18
C ASN B 60 9.88 -13.26 35.39
N GLU B 61 10.36 -13.92 36.45
CA GLU B 61 10.96 -13.20 37.57
C GLU B 61 11.96 -12.16 37.09
N VAL B 62 12.99 -12.61 36.37
CA VAL B 62 14.01 -11.66 35.92
C VAL B 62 13.40 -10.63 34.95
N LYS B 63 12.48 -11.05 34.09
CA LYS B 63 11.84 -10.07 33.22
C LYS B 63 11.04 -9.06 34.04
N ALA B 64 10.35 -9.54 35.09
CA ALA B 64 9.56 -8.68 35.95
C ALA B 64 10.37 -7.60 36.65
N GLU B 65 11.70 -7.70 36.64
CA GLU B 65 12.50 -6.69 37.32
C GLU B 65 12.35 -5.30 36.69
N MET B 66 12.00 -5.22 35.40
CA MET B 66 11.84 -3.91 34.79
C MET B 66 10.44 -3.32 34.96
N ASP B 67 9.54 -4.01 35.67
CA ASP B 67 8.22 -3.46 35.98
C ASP B 67 8.28 -2.08 36.63
N PRO B 68 9.01 -1.85 37.73
CA PRO B 68 8.94 -0.53 38.36
C PRO B 68 9.25 0.57 37.37
N LEU B 69 10.21 0.32 36.48
CA LEU B 69 10.58 1.26 35.42
C LEU B 69 9.44 1.47 34.44
N MET B 70 8.54 0.50 34.29
CA MET B 70 7.44 0.62 33.36
C MET B 70 6.32 1.53 33.86
N LEU B 71 6.31 1.87 35.15
CA LEU B 71 5.18 2.59 35.74
C LEU B 71 5.10 4.04 35.29
N GLN B 72 6.20 4.62 34.80
CA GLN B 72 6.14 6.00 34.38
C GLN B 72 6.75 6.11 32.99
N PRO B 73 6.12 6.86 32.09
CA PRO B 73 6.67 6.95 30.73
C PRO B 73 8.06 7.56 30.67
N GLU B 74 8.44 8.33 31.69
CA GLU B 74 9.80 8.87 31.72
C GLU B 74 10.83 7.74 31.82
N THR B 75 10.67 6.88 32.84
CA THR B 75 11.65 5.83 33.08
C THR B 75 11.54 4.71 32.05
N GLU B 76 10.32 4.44 31.57
CA GLU B 76 10.15 3.52 30.46
C GLU B 76 11.01 3.93 29.27
N LYS B 77 10.89 5.19 28.86
CA LYS B 77 11.70 5.69 27.75
C LYS B 77 13.18 5.44 28.01
N LYS B 78 13.65 5.83 29.20
CA LYS B 78 15.06 5.67 29.53
C LYS B 78 15.45 4.19 29.61
N LEU B 79 14.54 3.32 30.00
CA LEU B 79 14.85 1.90 29.96
C LEU B 79 15.11 1.43 28.54
N PHE B 80 14.30 1.88 27.60
CA PHE B 80 14.50 1.40 26.25
C PHE B 80 15.67 2.09 25.58
N GLN B 81 15.99 3.31 25.99
CA GLN B 81 17.25 3.90 25.55
C GLN B 81 18.43 3.05 26.02
N ILE B 82 18.40 2.63 27.29
CA ILE B 82 19.49 1.82 27.81
C ILE B 82 19.56 0.49 27.07
N LEU B 83 18.42 -0.11 26.79
CA LEU B 83 18.42 -1.40 26.13
C LEU B 83 18.89 -1.25 24.68
N SER B 84 18.51 -0.15 24.03
CA SER B 84 19.08 0.15 22.74
C SER B 84 20.57 0.48 22.84
N SER B 85 21.01 1.05 23.96
CA SER B 85 22.43 1.34 24.13
C SER B 85 23.27 0.06 24.25
N ILE B 86 22.67 -1.04 24.69
CA ILE B 86 23.41 -2.29 24.83
C ILE B 86 23.14 -3.24 23.68
N ASP B 87 22.51 -2.75 22.61
CA ASP B 87 22.52 -3.46 21.35
C ASP B 87 23.93 -3.37 20.79
N MET B 88 24.62 -4.48 20.69
CA MET B 88 26.02 -4.40 20.31
C MET B 88 26.21 -4.33 18.81
N PHE B 89 25.12 -4.31 18.03
CA PHE B 89 25.21 -4.43 16.58
C PHE B 89 24.54 -3.29 15.81
N LYS B 90 23.98 -2.29 16.50
CA LYS B 90 23.22 -1.26 15.77
C LYS B 90 24.10 -0.50 14.80
N GLY B 91 25.32 -0.17 15.20
CA GLY B 91 26.20 0.55 14.30
C GLY B 91 26.62 -0.27 13.09
N LEU B 92 26.55 -1.59 13.21
CA LEU B 92 26.90 -2.45 12.08
C LEU B 92 25.94 -2.29 10.92
N ARG B 93 24.68 -1.93 11.19
CA ARG B 93 23.69 -1.82 10.12
C ARG B 93 24.03 -0.69 9.17
N LYS B 94 24.40 0.48 9.71
CA LYS B 94 24.79 1.59 8.87
C LYS B 94 26.03 1.23 8.05
N LYS B 95 27.01 0.57 8.66
CA LYS B 95 28.20 0.17 7.93
C LYS B 95 27.84 -0.76 6.78
N VAL B 96 27.05 -1.81 7.06
CA VAL B 96 26.71 -2.79 6.03
C VAL B 96 25.95 -2.14 4.88
N GLU B 97 25.02 -1.23 5.18
CA GLU B 97 24.37 -0.48 4.10
C GLU B 97 25.37 0.35 3.31
N PHE B 98 26.07 1.25 3.99
CA PHE B 98 26.94 2.18 3.29
C PHE B 98 28.00 1.45 2.48
N THR B 99 28.57 0.40 3.05
CA THR B 99 29.76 -0.23 2.47
C THR B 99 29.43 -1.32 1.49
N TYR B 100 28.34 -2.05 1.70
CA TYR B 100 28.06 -3.22 0.87
C TYR B 100 26.77 -3.12 0.09
N ASN B 101 26.14 -1.94 0.07
CA ASN B 101 24.92 -1.71 -0.71
C ASN B 101 23.74 -2.52 -0.21
N ALA B 102 23.76 -2.95 1.05
CA ALA B 102 22.64 -3.68 1.58
C ALA B 102 21.45 -2.75 1.77
N GLN B 103 20.26 -3.28 1.56
CA GLN B 103 19.02 -2.53 1.71
C GLN B 103 18.24 -3.05 2.91
N ILE B 104 17.40 -2.18 3.46
CA ILE B 104 16.49 -2.59 4.53
C ILE B 104 17.32 -3.25 5.62
N VAL B 105 18.41 -2.59 6.01
CA VAL B 105 19.34 -3.17 6.98
C VAL B 105 18.81 -2.89 8.36
N THR B 106 17.65 -3.45 8.66
CA THR B 106 17.18 -3.53 10.02
C THR B 106 18.01 -4.53 10.79
N ASN B 107 17.76 -4.58 12.10
CA ASN B 107 18.36 -5.66 12.88
C ASN B 107 17.94 -7.03 12.34
N ALA B 108 16.74 -7.15 11.76
CA ALA B 108 16.35 -8.43 11.16
C ALA B 108 17.23 -8.81 9.98
N TRP B 109 17.69 -7.82 9.18
CA TRP B 109 18.67 -8.09 8.12
C TRP B 109 19.92 -8.77 8.68
N LEU B 110 20.53 -8.16 9.71
CA LEU B 110 21.63 -8.80 10.40
C LEU B 110 21.26 -10.21 10.82
N LYS B 111 20.11 -10.35 11.48
CA LYS B 111 19.73 -11.66 12.01
C LYS B 111 19.61 -12.69 10.90
N MET B 112 18.89 -12.37 9.82
CA MET B 112 18.76 -13.27 8.68
C MET B 112 20.11 -13.57 8.02
N TYR B 113 20.96 -12.56 7.83
CA TYR B 113 22.23 -12.79 7.15
C TYR B 113 23.13 -13.69 7.99
N GLU B 114 23.17 -13.45 9.30
CA GLU B 114 23.89 -14.33 10.22
C GLU B 114 23.31 -15.75 10.22
N LEU B 115 21.98 -15.86 10.22
CA LEU B 115 21.37 -17.18 10.12
C LEU B 115 21.81 -17.89 8.84
N LEU B 116 21.83 -17.17 7.71
CA LEU B 116 22.13 -17.80 6.43
C LEU B 116 23.58 -18.25 6.35
N ASN B 117 24.49 -17.52 6.99
CA ASN B 117 25.90 -17.90 6.97
C ASN B 117 26.16 -19.11 7.84
N THR B 118 25.63 -19.12 9.06
CA THR B 118 26.02 -20.18 9.96
C THR B 118 25.14 -21.41 9.85
N MET B 119 23.97 -21.32 9.21
CA MET B 119 23.11 -22.49 9.11
C MET B 119 23.46 -23.39 7.93
N ASN B 120 24.19 -22.87 6.93
CA ASN B 120 24.67 -23.67 5.80
C ASN B 120 23.50 -24.39 5.12
N PHE B 121 22.55 -23.60 4.63
CA PHE B 121 21.36 -24.18 4.02
C PHE B 121 21.70 -24.77 2.66
N ASN B 122 21.02 -25.86 2.31
CA ASN B 122 21.30 -26.49 1.03
C ASN B 122 20.94 -25.56 -0.13
N ASN B 123 19.85 -24.82 -0.01
CA ASN B 123 19.40 -23.94 -1.09
C ASN B 123 18.55 -22.85 -0.47
N THR B 124 18.78 -21.61 -0.88
CA THR B 124 17.96 -20.49 -0.39
C THR B 124 17.39 -19.66 -1.54
N SER B 125 17.35 -20.23 -2.75
CA SER B 125 17.07 -19.49 -4.00
C SER B 125 15.59 -19.19 -4.21
N GLN B 126 14.71 -19.58 -3.30
CA GLN B 126 13.27 -19.42 -3.52
C GLN B 126 12.63 -19.23 -2.16
N ALA B 127 12.39 -17.99 -1.79
CA ALA B 127 12.08 -17.65 -0.41
C ALA B 127 10.62 -17.28 -0.31
N PHE B 128 9.94 -17.83 0.70
CA PHE B 128 8.64 -17.36 1.13
C PHE B 128 8.84 -16.81 2.54
N CYS B 129 8.66 -15.50 2.69
CA CYS B 129 8.97 -14.79 3.94
C CYS B 129 7.64 -14.28 4.52
N ASN B 130 7.21 -14.89 5.61
CA ASN B 130 5.91 -14.57 6.18
C ASN B 130 6.06 -13.67 7.40
N CYS B 131 5.08 -12.79 7.61
CA CYS B 131 5.15 -11.72 8.60
C CYS B 131 6.43 -10.90 8.44
N GLU B 132 6.59 -10.27 7.28
CA GLU B 132 7.89 -9.73 6.88
C GLU B 132 7.92 -8.21 6.76
N LEU B 133 6.88 -7.53 7.22
CA LEU B 133 6.46 -6.23 6.68
C LEU B 133 7.58 -5.32 6.21
N PRO B 134 8.62 -4.97 7.04
CA PRO B 134 9.63 -4.06 6.49
C PRO B 134 10.40 -4.78 5.39
N GLY B 135 10.86 -5.98 5.66
CA GLY B 135 11.46 -6.82 4.66
C GLY B 135 12.91 -7.13 4.83
N GLY B 136 13.47 -6.93 6.03
CA GLY B 136 14.87 -7.25 6.28
C GLY B 136 15.25 -8.67 5.89
N PHE B 137 14.39 -9.64 6.19
CA PHE B 137 14.71 -11.04 5.87
C PHE B 137 14.81 -11.25 4.38
N ILE B 138 13.83 -10.71 3.63
CA ILE B 138 13.88 -10.83 2.16
C ILE B 138 15.19 -10.25 1.64
N SER B 139 15.53 -9.05 2.12
CA SER B 139 16.70 -8.33 1.62
C SER B 139 17.99 -9.03 2.01
N ALA B 140 18.10 -9.47 3.27
CA ALA B 140 19.24 -10.28 3.63
C ALA B 140 19.32 -11.52 2.75
N ILE B 141 18.18 -12.15 2.48
CA ILE B 141 18.19 -13.35 1.64
C ILE B 141 18.66 -12.98 0.24
N ASN B 142 18.08 -11.92 -0.33
CA ASN B 142 18.51 -11.39 -1.59
C ASN B 142 20.01 -11.10 -1.59
N HIS B 143 20.48 -10.37 -0.58
CA HIS B 143 21.88 -9.98 -0.53
C HIS B 143 22.78 -11.20 -0.40
N PHE B 144 22.36 -12.17 0.40
CA PHE B 144 23.13 -13.39 0.54
C PHE B 144 23.15 -14.19 -0.75
N ASN B 145 21.98 -14.35 -1.38
CA ASN B 145 21.86 -15.22 -2.54
C ASN B 145 22.71 -14.71 -3.71
N TYR B 146 22.82 -13.40 -3.87
CA TYR B 146 23.58 -12.91 -5.01
C TYR B 146 25.08 -12.87 -4.72
N THR B 147 25.45 -12.31 -3.57
CA THR B 147 26.86 -12.05 -3.28
C THR B 147 27.60 -13.27 -2.76
N MET B 148 26.92 -14.20 -2.10
CA MET B 148 27.54 -15.39 -1.53
C MET B 148 27.18 -16.65 -2.29
N MET B 149 25.89 -16.85 -2.58
CA MET B 149 25.42 -18.04 -3.27
C MET B 149 25.52 -17.92 -4.79
N HIS B 150 25.83 -16.73 -5.30
CA HIS B 150 25.93 -16.46 -6.74
C HIS B 150 24.81 -17.16 -7.50
N TYR B 151 23.60 -16.97 -7.01
CA TYR B 151 22.41 -17.49 -7.68
C TYR B 151 22.11 -16.64 -8.90
N PRO B 152 21.96 -17.24 -10.08
CA PRO B 152 21.62 -16.44 -11.26
C PRO B 152 20.46 -15.51 -11.00
N THR B 153 19.37 -16.03 -10.43
CA THR B 153 18.25 -15.20 -10.06
C THR B 153 17.72 -15.61 -8.70
N PHE B 154 16.89 -14.74 -8.13
CA PHE B 154 16.28 -14.97 -6.82
C PHE B 154 14.79 -14.72 -6.94
N ASN B 155 13.99 -15.74 -6.69
CA ASN B 155 12.53 -15.59 -6.72
C ASN B 155 11.97 -15.70 -5.31
N TRP B 156 11.13 -14.74 -4.95
CA TRP B 156 10.62 -14.71 -3.59
C TRP B 156 9.18 -14.27 -3.61
N VAL B 157 8.48 -14.67 -2.56
CA VAL B 157 7.16 -14.17 -2.24
C VAL B 157 7.16 -13.90 -0.75
N ALA B 158 6.30 -13.00 -0.34
CA ALA B 158 6.24 -12.59 1.05
C ALA B 158 4.79 -12.29 1.38
N SER B 159 4.53 -12.22 2.68
CA SER B 159 3.27 -11.73 3.16
C SER B 159 3.53 -11.05 4.49
N SER B 160 2.61 -10.18 4.87
CA SER B 160 2.66 -9.61 6.19
C SER B 160 1.24 -9.19 6.51
N LEU B 161 0.96 -8.99 7.79
CA LEU B 161 -0.39 -8.65 8.18
C LEU B 161 -0.68 -7.25 7.71
N TYR B 162 -1.65 -7.12 6.81
CA TYR B 162 -2.08 -5.84 6.26
C TYR B 162 -3.45 -5.54 6.88
N PRO B 163 -3.49 -4.86 8.02
CA PRO B 163 -4.77 -4.64 8.70
C PRO B 163 -5.60 -3.55 8.03
N SER B 164 -6.91 -3.73 8.11
CA SER B 164 -7.87 -2.77 7.54
C SER B 164 -8.22 -1.69 8.58
N SER B 165 -7.19 -0.98 9.02
CA SER B 165 -7.33 0.04 10.05
C SER B 165 -6.67 1.35 9.65
N GLU B 171 4.50 -2.19 9.10
CA GLU B 171 4.28 -1.32 7.94
C GLU B 171 5.47 -1.41 6.97
N ASP B 172 5.22 -1.02 5.73
CA ASP B 172 6.15 -1.23 4.63
C ASP B 172 7.09 -0.02 4.53
N HIS B 173 7.90 0.13 5.58
CA HIS B 173 8.70 1.34 5.75
C HIS B 173 9.60 1.61 4.56
N TYR B 174 10.00 0.59 3.81
CA TYR B 174 10.96 0.76 2.72
C TYR B 174 10.33 0.60 1.34
N GLY B 175 9.00 0.50 1.26
CA GLY B 175 8.36 0.33 -0.03
C GLY B 175 8.56 -1.01 -0.70
N LEU B 176 9.13 -2.01 0.01
CA LEU B 176 9.33 -3.32 -0.59
C LEU B 176 8.00 -3.97 -0.98
N TYR B 177 6.95 -3.71 -0.21
CA TYR B 177 5.64 -4.24 -0.56
C TYR B 177 5.08 -3.55 -1.81
N GLN B 178 4.87 -2.22 -1.72
CA GLN B 178 4.14 -1.52 -2.77
C GLN B 178 4.89 -1.50 -4.09
N CYS B 179 6.22 -1.59 -4.05
CA CYS B 179 7.01 -1.62 -5.27
C CYS B 179 7.13 -3.01 -5.86
N ASN B 180 6.52 -4.03 -5.26
CA ASN B 180 6.62 -5.40 -5.76
C ASN B 180 5.32 -6.14 -5.46
N PRO B 181 4.20 -5.65 -5.99
CA PRO B 181 2.89 -6.23 -5.60
C PRO B 181 2.76 -7.70 -5.97
N ASP B 182 3.40 -8.13 -7.06
CA ASP B 182 3.37 -9.53 -7.45
C ASP B 182 4.04 -10.43 -6.42
N ASN B 183 5.00 -9.90 -5.67
CA ASN B 183 5.75 -10.73 -4.74
C ASN B 183 5.07 -10.86 -3.39
N TRP B 184 4.03 -10.08 -3.11
CA TRP B 184 3.37 -10.10 -1.82
C TRP B 184 1.98 -10.71 -1.95
N LEU B 185 1.64 -11.57 -0.99
CA LEU B 185 0.49 -12.46 -1.13
C LEU B 185 -0.73 -12.01 -0.36
N MET B 186 -0.59 -11.07 0.57
CA MET B 186 -1.81 -10.59 1.20
C MET B 186 -2.43 -9.52 0.31
N GLN B 187 -3.64 -9.11 0.67
CA GLN B 187 -4.37 -8.12 -0.10
C GLN B 187 -4.63 -6.89 0.76
N SER B 188 -4.75 -5.73 0.09
CA SER B 188 -4.97 -4.47 0.76
C SER B 188 -6.40 -4.38 1.29
N PRO B 189 -6.68 -3.43 2.18
CA PRO B 189 -8.07 -3.23 2.65
C PRO B 189 -9.07 -2.91 1.55
N LEU B 190 -8.60 -2.54 0.35
CA LEU B 190 -9.46 -2.37 -0.80
C LEU B 190 -10.08 -3.67 -1.25
N LEU B 191 -9.60 -4.81 -0.77
CA LEU B 191 -10.19 -6.09 -1.10
C LEU B 191 -10.92 -6.69 0.09
N LYS B 192 -11.04 -5.95 1.19
CA LYS B 192 -11.98 -6.27 2.25
C LYS B 192 -13.38 -6.49 1.68
N LYS B 193 -14.15 -7.37 2.31
CA LYS B 193 -15.50 -7.70 1.84
C LYS B 193 -15.44 -8.72 0.71
N ASN B 194 -14.28 -8.92 0.07
CA ASN B 194 -14.11 -10.09 -0.77
C ASN B 194 -14.27 -11.34 0.07
N ILE B 195 -14.87 -12.37 -0.53
CA ILE B 195 -15.17 -13.56 0.26
C ILE B 195 -13.89 -14.28 0.64
N ASP B 196 -12.82 -14.10 -0.13
CA ASP B 196 -11.55 -14.75 0.09
C ASP B 196 -10.48 -13.75 0.47
N TYR B 197 -10.91 -12.61 1.01
CA TYR B 197 -10.01 -11.59 1.52
C TYR B 197 -9.01 -12.20 2.48
N ASN B 198 -7.74 -11.99 2.15
CA ASN B 198 -6.60 -12.49 2.91
C ASN B 198 -5.76 -11.26 3.29
N ASN B 199 -5.91 -10.81 4.53
CA ASN B 199 -5.17 -9.65 5.04
C ASN B 199 -3.81 -10.01 5.59
N GLY B 200 -3.35 -11.24 5.38
CA GLY B 200 -2.08 -11.67 5.91
C GLY B 200 -2.14 -12.26 7.31
N ASP B 201 -3.20 -12.02 8.09
CA ASP B 201 -3.30 -12.56 9.43
C ASP B 201 -3.19 -14.08 9.45
N VAL B 202 -2.05 -14.58 9.95
CA VAL B 202 -1.82 -16.02 9.97
C VAL B 202 -2.43 -16.70 11.17
N THR B 203 -3.13 -15.96 12.05
CA THR B 203 -3.92 -16.62 13.07
C THR B 203 -5.24 -17.15 12.52
N ILE B 204 -5.54 -16.93 11.24
CA ILE B 204 -6.82 -17.29 10.64
C ILE B 204 -6.59 -18.42 9.65
N ALA B 205 -7.27 -19.55 9.87
CA ALA B 205 -6.94 -20.80 9.18
C ALA B 205 -7.04 -20.66 7.67
N SER B 206 -8.11 -20.03 7.18
CA SER B 206 -8.29 -19.82 5.75
C SER B 206 -7.20 -18.91 5.15
N ASN B 207 -6.72 -17.93 5.92
CA ASN B 207 -5.62 -17.11 5.44
C ASN B 207 -4.35 -17.94 5.28
N VAL B 208 -4.18 -18.95 6.14
CA VAL B 208 -2.97 -19.76 6.08
C VAL B 208 -3.03 -20.68 4.87
N LYS B 209 -4.18 -21.34 4.67
CA LYS B 209 -4.39 -22.09 3.43
C LYS B 209 -4.14 -21.20 2.22
N ASN B 210 -4.79 -20.04 2.17
CA ASN B 210 -4.69 -19.18 1.00
C ASN B 210 -3.26 -18.72 0.77
N LEU B 211 -2.59 -18.28 1.84
CA LEU B 211 -1.21 -17.85 1.72
C LEU B 211 -0.34 -18.95 1.16
N ALA B 212 -0.48 -20.16 1.69
CA ALA B 212 0.38 -21.27 1.25
C ALA B 212 0.03 -21.67 -0.17
N LEU B 213 -1.28 -21.74 -0.48
CA LEU B 213 -1.70 -22.00 -1.85
C LEU B 213 -1.10 -20.96 -2.77
N ARG B 214 -1.20 -19.69 -2.39
CA ARG B 214 -0.72 -18.61 -3.25
C ARG B 214 0.78 -18.71 -3.46
N ALA B 215 1.52 -19.07 -2.41
CA ALA B 215 2.98 -19.12 -2.51
C ALA B 215 3.43 -20.25 -3.43
N THR B 216 2.90 -21.46 -3.22
CA THR B 216 3.19 -22.59 -4.10
C THR B 216 2.81 -22.30 -5.55
N GLN B 217 1.96 -21.31 -5.77
CA GLN B 217 1.56 -20.99 -7.13
C GLN B 217 2.58 -20.07 -7.82
N ARG B 218 2.99 -18.98 -7.15
CA ARG B 218 4.02 -18.08 -7.67
C ARG B 218 5.42 -18.65 -7.55
N LEU B 219 5.57 -19.89 -7.10
CA LEU B 219 6.88 -20.33 -6.63
C LEU B 219 6.94 -21.84 -6.46
N THR B 220 7.55 -22.53 -7.42
CA THR B 220 7.83 -23.96 -7.27
C THR B 220 9.24 -24.25 -7.71
N PRO B 221 10.05 -24.87 -6.86
CA PRO B 221 9.76 -25.24 -5.46
C PRO B 221 10.07 -24.09 -4.49
N ILE B 222 9.55 -24.13 -3.28
CA ILE B 222 9.91 -23.15 -2.25
C ILE B 222 10.96 -23.80 -1.37
N HIS B 223 12.17 -23.22 -1.36
CA HIS B 223 13.28 -23.81 -0.63
C HIS B 223 13.49 -23.19 0.74
N LEU B 224 13.00 -21.99 0.95
CA LEU B 224 13.27 -21.28 2.19
C LEU B 224 11.97 -20.67 2.66
N TYR B 225 11.49 -21.12 3.81
CA TYR B 225 10.38 -20.45 4.44
C TYR B 225 10.92 -19.70 5.66
N THR B 226 10.57 -18.45 5.76
CA THR B 226 10.88 -17.71 6.97
C THR B 226 9.58 -17.09 7.49
N ALA B 227 9.49 -17.01 8.81
CA ALA B 227 8.35 -16.43 9.49
C ALA B 227 8.89 -15.64 10.68
N ASP B 228 8.63 -14.33 10.70
CA ASP B 228 9.26 -13.44 11.66
C ASP B 228 8.22 -12.61 12.41
N GLY B 229 7.08 -13.20 12.71
CA GLY B 229 6.00 -12.46 13.31
C GLY B 229 6.01 -12.53 14.82
N GLY B 230 5.44 -11.50 15.43
CA GLY B 230 5.28 -11.43 16.86
C GLY B 230 4.18 -10.45 17.24
N ILE B 231 3.24 -10.90 18.06
CA ILE B 231 2.29 -9.99 18.68
C ILE B 231 3.05 -8.90 19.43
N ASN B 232 2.47 -7.70 19.48
CA ASN B 232 3.11 -6.57 20.22
C ASN B 232 2.19 -6.17 21.38
N VAL B 233 2.67 -6.30 22.62
CA VAL B 233 1.82 -6.00 23.81
C VAL B 233 2.68 -5.33 24.89
N ASP B 236 2.32 -5.96 28.19
CA ASP B 236 2.70 -7.12 29.07
C ASP B 236 3.89 -7.84 28.44
N TYR B 237 4.85 -8.27 29.25
CA TYR B 237 6.05 -8.88 28.68
C TYR B 237 6.24 -10.35 29.06
N ASN B 238 5.55 -10.83 30.09
CA ASN B 238 5.82 -12.17 30.60
C ASN B 238 4.77 -13.20 30.18
N LYS B 239 3.80 -12.81 29.37
CA LYS B 239 2.93 -13.75 28.67
C LYS B 239 3.28 -13.81 27.18
N GLN B 240 4.45 -13.30 26.79
CA GLN B 240 4.74 -13.05 25.38
C GLN B 240 4.65 -14.34 24.55
N GLU B 241 5.23 -15.43 25.05
CA GLU B 241 5.11 -16.72 24.37
C GLU B 241 3.65 -17.16 24.27
N GLU B 242 2.89 -17.08 25.37
CA GLU B 242 1.50 -17.53 25.34
C GLU B 242 0.66 -16.65 24.42
N LEU B 243 0.91 -15.34 24.42
CA LEU B 243 0.15 -14.46 23.53
C LEU B 243 0.43 -14.73 22.06
N ASN B 244 1.57 -15.33 21.74
CA ASN B 244 1.95 -15.55 20.35
C ASN B 244 1.71 -16.97 19.87
N LEU B 245 1.23 -17.87 20.75
CA LEU B 245 1.11 -19.26 20.38
C LEU B 245 0.33 -19.44 19.08
N LYS B 246 -0.78 -18.70 18.93
CA LYS B 246 -1.63 -18.85 17.76
C LYS B 246 -0.99 -18.25 16.51
N LEU B 247 -0.42 -17.04 16.65
CA LEU B 247 0.36 -16.46 15.56
C LEU B 247 1.49 -17.39 15.16
N HIS B 248 2.32 -17.78 16.13
CA HIS B 248 3.45 -18.62 15.80
C HIS B 248 3.01 -19.97 15.27
N PHE B 249 1.80 -20.41 15.63
CA PHE B 249 1.30 -21.67 15.11
C PHE B 249 0.84 -21.51 13.66
N GLY B 250 0.27 -20.36 13.31
CA GLY B 250 -0.12 -20.12 11.94
C GLY B 250 1.05 -19.77 11.06
N GLN B 251 2.08 -19.13 11.63
CA GLN B 251 3.38 -18.99 10.98
C GLN B 251 3.89 -20.34 10.52
N ALA B 252 3.99 -21.26 11.48
CA ALA B 252 4.52 -22.58 11.20
C ALA B 252 3.66 -23.30 10.17
N LEU B 253 2.33 -23.25 10.32
CA LEU B 253 1.44 -23.94 9.40
C LEU B 253 1.59 -23.40 8.00
N THR B 254 1.63 -22.09 7.84
CA THR B 254 1.88 -21.50 6.56
C THR B 254 3.13 -22.09 5.92
N GLY B 255 4.18 -22.27 6.73
CA GLY B 255 5.40 -22.80 6.17
C GLY B 255 5.30 -24.26 5.83
N LEU B 256 4.65 -25.04 6.69
CA LEU B 256 4.59 -26.48 6.49
C LEU B 256 3.64 -26.84 5.35
N LEU B 257 2.73 -25.94 4.99
CA LEU B 257 1.86 -26.10 3.83
C LEU B 257 2.51 -25.68 2.51
N SER B 258 3.55 -24.85 2.55
CA SER B 258 4.15 -24.27 1.35
C SER B 258 5.56 -24.77 1.07
N LEU B 259 6.38 -24.95 2.10
CA LEU B 259 7.76 -25.36 1.90
C LEU B 259 7.82 -26.72 1.22
N SER B 260 8.66 -26.82 0.18
CA SER B 260 8.85 -28.06 -0.57
C SER B 260 9.77 -28.98 0.20
N LYS B 261 9.66 -30.28 -0.09
CA LYS B 261 10.63 -31.24 0.40
C LYS B 261 12.04 -30.73 0.11
N GLY B 262 12.99 -31.03 1.01
CA GLY B 262 14.32 -30.47 0.90
C GLY B 262 14.41 -29.00 1.20
N GLY B 263 13.27 -28.31 1.40
CA GLY B 263 13.26 -26.93 1.80
C GLY B 263 13.68 -26.70 3.26
N ASN B 264 13.81 -25.42 3.58
CA ASN B 264 14.30 -24.97 4.86
C ASN B 264 13.37 -23.92 5.45
N MET B 265 13.37 -23.89 6.78
CA MET B 265 12.40 -23.14 7.56
C MET B 265 13.15 -22.35 8.63
N ILE B 266 12.79 -21.07 8.79
CA ILE B 266 13.26 -20.21 9.87
C ILE B 266 12.02 -19.52 10.46
N LEU B 267 11.69 -19.85 11.70
CA LEU B 267 10.53 -19.30 12.39
C LEU B 267 10.97 -18.52 13.62
N LYS B 268 10.44 -17.32 13.80
CA LYS B 268 10.74 -16.57 15.01
C LYS B 268 9.86 -17.08 16.13
N HIS B 269 10.48 -17.40 17.26
CA HIS B 269 9.74 -17.78 18.44
C HIS B 269 10.18 -16.92 19.60
N TYR B 270 9.79 -17.35 20.81
CA TYR B 270 10.24 -16.64 22.03
C TYR B 270 10.87 -17.43 23.17
N THR B 271 10.12 -17.84 24.20
CA THR B 271 10.74 -18.54 25.34
C THR B 271 10.69 -20.07 25.30
N LEU B 272 9.76 -20.68 24.56
CA LEU B 272 9.72 -22.14 24.41
C LEU B 272 9.34 -22.92 25.68
N ASN B 273 8.67 -22.32 26.67
CA ASN B 273 8.34 -23.09 27.87
C ASN B 273 6.96 -23.71 27.85
N HIS B 274 6.04 -23.18 27.06
CA HIS B 274 4.69 -23.71 27.04
C HIS B 274 4.64 -25.08 26.35
N ALA B 275 3.82 -25.97 26.91
CA ALA B 275 3.62 -27.29 26.35
C ALA B 275 3.27 -27.21 24.87
N PHE B 276 2.46 -26.22 24.48
CA PHE B 276 2.06 -26.15 23.09
C PHE B 276 3.27 -25.94 22.20
N THR B 277 4.11 -24.95 22.54
CA THR B 277 5.36 -24.70 21.84
C THR B 277 6.21 -25.96 21.76
N LEU B 278 6.35 -26.62 22.89
CA LEU B 278 7.13 -27.84 22.94
C LEU B 278 6.55 -28.88 22.01
N SER B 279 5.22 -28.99 21.99
CA SER B 279 4.58 -29.96 21.12
C SER B 279 4.74 -29.60 19.64
N LEU B 280 4.76 -28.31 19.33
CA LEU B 280 4.92 -27.89 17.94
C LEU B 280 6.32 -28.20 17.44
N ILE B 281 7.31 -28.01 18.30
CA ILE B 281 8.67 -28.40 17.98
C ILE B 281 8.73 -29.91 17.74
N CYS B 282 8.10 -30.68 18.64
CA CYS B 282 7.96 -32.11 18.46
C CYS B 282 7.34 -32.44 17.11
N VAL B 283 6.36 -31.65 16.66
CA VAL B 283 5.83 -31.81 15.31
C VAL B 283 6.92 -31.53 14.29
N PHE B 284 7.54 -30.34 14.36
CA PHE B 284 8.62 -29.99 13.45
C PHE B 284 9.61 -31.13 13.33
N SER B 285 9.81 -31.87 14.41
CA SER B 285 10.83 -32.91 14.50
C SER B 285 10.66 -34.00 13.46
N HIS B 286 9.45 -34.19 12.95
CA HIS B 286 9.22 -35.25 11.97
C HIS B 286 9.43 -34.77 10.55
N PHE B 287 9.58 -33.46 10.33
CA PHE B 287 9.53 -32.94 8.98
C PHE B 287 10.90 -32.56 8.42
N PHE B 288 11.88 -32.31 9.27
CA PHE B 288 13.16 -31.86 8.80
C PHE B 288 14.23 -32.86 9.18
N GLU B 289 15.30 -32.89 8.37
CA GLU B 289 16.41 -33.77 8.64
C GLU B 289 17.24 -33.26 9.81
N GLU B 290 17.36 -31.94 9.93
CA GLU B 290 17.97 -31.28 11.07
C GLU B 290 17.06 -30.16 11.53
N LEU B 291 17.12 -29.89 12.82
CA LEU B 291 16.24 -28.92 13.45
C LEU B 291 17.02 -28.28 14.59
N TYR B 292 17.12 -26.96 14.55
CA TYR B 292 17.89 -26.21 15.53
C TYR B 292 17.02 -25.16 16.17
N ILE B 293 17.19 -24.97 17.48
CA ILE B 293 16.83 -23.72 18.14
C ILE B 293 18.05 -22.82 18.10
N THR B 294 17.85 -21.56 17.70
CA THR B 294 19.01 -20.71 17.46
C THR B 294 18.76 -19.29 17.97
N LYS B 295 19.86 -18.64 18.28
CA LYS B 295 19.88 -17.25 18.76
C LYS B 295 21.10 -16.63 18.13
N PRO B 296 20.95 -15.97 16.98
CA PRO B 296 22.06 -15.19 16.43
C PRO B 296 22.54 -14.17 17.45
N THR B 297 23.82 -13.86 17.38
CA THR B 297 24.37 -12.78 18.21
C THR B 297 23.61 -11.47 17.96
N SER B 298 23.22 -11.22 16.71
CA SER B 298 22.49 -10.00 16.37
C SER B 298 21.02 -10.08 16.79
N SER B 299 20.53 -11.25 17.15
CA SER B 299 19.27 -11.32 17.86
C SER B 299 19.51 -10.83 19.28
N ARG B 300 18.82 -9.76 19.67
CA ARG B 300 19.17 -9.04 20.89
C ARG B 300 19.13 -9.98 22.09
N PRO B 301 20.25 -10.23 22.74
CA PRO B 301 20.27 -11.21 23.85
C PRO B 301 19.39 -10.81 25.03
N THR B 302 18.94 -9.56 25.10
CA THR B 302 18.05 -9.15 26.17
C THR B 302 16.64 -9.68 25.99
N ASN B 303 16.23 -10.00 24.76
CA ASN B 303 14.91 -10.56 24.55
C ASN B 303 14.98 -12.08 24.48
N SER B 304 13.79 -12.67 24.41
CA SER B 304 13.63 -14.13 24.41
C SER B 304 13.56 -14.69 23.01
N GLU B 305 13.59 -13.83 22.00
CA GLU B 305 13.48 -14.25 20.60
C GLU B 305 14.39 -15.43 20.29
N THR B 306 13.83 -16.44 19.66
CA THR B 306 14.61 -17.54 19.15
C THR B 306 14.19 -17.79 17.72
N TYR B 307 15.06 -18.43 16.95
CA TYR B 307 14.72 -18.81 15.60
C TYR B 307 14.83 -20.33 15.49
N ILE B 308 13.72 -20.98 15.16
CA ILE B 308 13.70 -22.42 14.95
C ILE B 308 14.00 -22.68 13.49
N VAL B 309 15.00 -23.51 13.23
CA VAL B 309 15.53 -23.71 11.90
C VAL B 309 15.44 -25.19 11.58
N GLY B 310 14.61 -25.54 10.62
CA GLY B 310 14.58 -26.87 10.06
C GLY B 310 15.30 -26.86 8.72
N LYS B 311 16.31 -27.73 8.61
CA LYS B 311 17.03 -27.97 7.37
C LYS B 311 16.52 -29.24 6.72
N ASN B 312 16.51 -29.24 5.39
CA ASN B 312 16.11 -30.43 4.55
C ASN B 312 14.75 -31.05 4.87
N ARG B 313 13.67 -30.33 4.57
CA ARG B 313 12.36 -30.92 4.79
C ARG B 313 12.22 -32.36 4.25
N LEU B 314 11.86 -33.31 5.12
CA LEU B 314 11.93 -34.72 4.77
C LEU B 314 10.71 -35.19 4.00
N ARG B 315 9.53 -34.65 4.33
CA ARG B 315 8.31 -35.05 3.68
C ARG B 315 7.29 -33.94 3.92
N LEU B 316 6.18 -34.04 3.22
CA LEU B 316 5.09 -33.10 3.32
C LEU B 316 4.02 -33.63 4.26
N PHE B 317 3.09 -32.75 4.63
CA PHE B 317 1.91 -33.16 5.35
C PHE B 317 1.21 -34.30 4.62
N THR B 318 0.71 -35.27 5.39
CA THR B 318 -0.37 -36.11 4.91
C THR B 318 -1.63 -35.27 4.87
N PRO B 319 -2.62 -35.67 4.07
CA PRO B 319 -3.91 -34.94 4.10
C PRO B 319 -4.53 -34.93 5.49
N LYS B 320 -4.31 -35.96 6.30
CA LYS B 320 -4.87 -35.98 7.65
C LYS B 320 -4.16 -34.99 8.55
N GLU B 321 -2.83 -34.95 8.50
CA GLU B 321 -2.07 -34.00 9.30
C GLU B 321 -2.45 -32.57 8.95
N GLU B 322 -2.65 -32.30 7.66
CA GLU B 322 -3.06 -30.96 7.24
C GLU B 322 -4.41 -30.62 7.84
N GLN B 323 -5.36 -31.54 7.74
CA GLN B 323 -6.70 -31.28 8.27
C GLN B 323 -6.65 -30.94 9.75
N VAL B 324 -5.96 -31.77 10.53
CA VAL B 324 -6.02 -31.64 11.98
C VAL B 324 -5.39 -30.32 12.40
N LEU B 325 -4.19 -30.02 11.89
CA LEU B 325 -3.45 -28.84 12.29
C LEU B 325 -4.19 -27.58 11.86
N LEU B 326 -4.79 -27.60 10.67
CA LEU B 326 -5.60 -26.47 10.25
C LEU B 326 -6.83 -26.31 11.13
N LYS B 327 -7.40 -27.42 11.59
CA LYS B 327 -8.54 -27.35 12.49
C LYS B 327 -8.13 -26.79 13.84
N ARG B 328 -6.95 -27.20 14.33
CA ARG B 328 -6.39 -26.58 15.52
C ARG B 328 -6.28 -25.07 15.36
N LEU B 329 -5.59 -24.61 14.33
CA LEU B 329 -5.49 -23.17 14.11
C LEU B 329 -6.89 -22.54 14.04
N GLU B 330 -7.82 -23.20 13.36
CA GLU B 330 -9.16 -22.63 13.22
C GLU B 330 -9.85 -22.47 14.57
N PHE B 331 -9.90 -23.55 15.35
CA PHE B 331 -10.46 -23.53 16.71
C PHE B 331 -9.32 -23.79 17.68
N PHE B 332 -8.61 -22.73 18.02
CA PHE B 332 -7.33 -22.85 18.69
C PHE B 332 -7.50 -23.09 20.18
N ASN B 333 -6.54 -23.83 20.75
CA ASN B 333 -6.41 -23.94 22.20
C ASN B 333 -4.96 -24.30 22.53
N ASP B 334 -4.67 -24.31 23.84
CA ASP B 334 -3.35 -24.43 24.46
C ASP B 334 -2.75 -25.84 24.41
N THR B 335 -3.56 -26.85 24.14
CA THR B 335 -3.22 -28.21 24.50
C THR B 335 -2.08 -28.74 23.64
N PRO B 336 -1.31 -29.69 24.14
CA PRO B 336 -0.20 -30.23 23.34
C PRO B 336 -0.70 -30.82 22.03
N LEU B 337 0.08 -30.59 20.97
CA LEU B 337 -0.22 -31.17 19.66
C LEU B 337 0.04 -32.66 19.64
N VAL B 338 0.99 -33.13 20.46
CA VAL B 338 1.42 -34.52 20.51
C VAL B 338 1.55 -34.93 21.98
N ASP B 339 1.71 -36.24 22.17
CA ASP B 339 2.09 -36.81 23.45
C ASP B 339 3.55 -36.47 23.73
N LEU B 340 3.78 -35.54 24.66
CA LEU B 340 5.14 -35.02 24.86
C LEU B 340 6.07 -36.06 25.47
N SER B 341 5.55 -37.05 26.19
CA SER B 341 6.43 -38.08 26.73
C SER B 341 7.03 -38.98 25.64
N LEU B 342 6.52 -38.91 24.43
CA LEU B 342 7.17 -39.63 23.32
C LEU B 342 8.43 -38.92 22.82
N TYR B 343 8.76 -37.74 23.34
CA TYR B 343 9.88 -36.97 22.84
C TYR B 343 10.81 -36.53 23.98
N GLN B 344 11.07 -37.41 24.95
CA GLN B 344 11.92 -37.06 26.10
C GLN B 344 13.28 -36.54 25.65
N ASN B 345 13.90 -37.26 24.71
CA ASN B 345 15.21 -36.84 24.20
C ASN B 345 15.15 -35.42 23.65
N LEU B 346 14.11 -35.14 22.89
CA LEU B 346 14.02 -33.86 22.21
C LEU B 346 13.81 -32.74 23.21
N LEU B 347 12.90 -32.94 24.18
CA LEU B 347 12.65 -31.91 25.18
C LEU B 347 13.89 -31.65 26.02
N GLU B 348 14.72 -32.68 26.23
CA GLU B 348 15.97 -32.47 26.95
C GLU B 348 16.87 -31.54 26.17
N SER B 349 16.87 -31.66 24.84
CA SER B 349 17.68 -30.74 24.05
C SER B 349 17.02 -29.37 23.91
N VAL B 350 15.69 -29.29 23.85
CA VAL B 350 15.05 -27.98 23.88
C VAL B 350 15.33 -27.34 25.23
N TYR B 351 15.27 -28.12 26.30
CA TYR B 351 15.55 -27.57 27.62
C TYR B 351 16.97 -27.02 27.70
N PHE B 352 17.94 -27.78 27.18
CA PHE B 352 19.28 -27.23 27.04
C PHE B 352 19.25 -25.89 26.33
N ALA B 353 18.51 -25.80 25.23
CA ALA B 353 18.42 -24.55 24.50
C ALA B 353 17.84 -23.45 25.37
N VAL B 354 16.75 -23.75 26.08
CA VAL B 354 16.21 -22.80 27.03
C VAL B 354 17.28 -22.39 28.03
N GLU B 355 17.96 -23.36 28.64
CA GLU B 355 18.98 -23.06 29.66
C GLU B 355 20.07 -22.17 29.10
N THR B 356 20.53 -22.48 27.89
CA THR B 356 21.59 -21.70 27.28
C THR B 356 21.08 -20.32 26.83
N ILE B 357 19.95 -20.28 26.14
CA ILE B 357 19.55 -19.04 25.50
C ILE B 357 18.89 -18.09 26.50
N HIS B 358 18.05 -18.63 27.38
CA HIS B 358 17.16 -17.85 28.20
C HIS B 358 17.60 -17.79 29.65
N LEU B 359 17.85 -18.95 30.28
CA LEU B 359 18.23 -18.93 31.70
C LEU B 359 19.66 -18.42 31.89
N LYS B 360 20.57 -18.73 30.97
CA LYS B 360 21.92 -18.21 31.08
C LYS B 360 22.06 -16.87 30.36
N GLN B 361 22.07 -16.88 29.02
CA GLN B 361 22.36 -15.66 28.28
C GLN B 361 21.36 -14.55 28.61
N GLN B 362 20.07 -14.79 28.39
CA GLN B 362 19.12 -13.69 28.48
C GLN B 362 19.08 -13.11 29.89
N ILE B 363 19.09 -13.98 30.90
CA ILE B 363 19.09 -13.49 32.28
C ILE B 363 20.35 -12.66 32.57
N GLU B 364 21.52 -13.10 32.07
CA GLU B 364 22.74 -12.32 32.32
C GLU B 364 22.69 -10.98 31.62
N PHE B 365 22.20 -10.96 30.39
CA PHE B 365 22.14 -9.71 29.65
C PHE B 365 20.96 -8.85 30.11
N LEU B 366 19.91 -9.48 30.64
CA LEU B 366 18.91 -8.69 31.34
C LEU B 366 19.48 -8.09 32.62
N ASN B 367 20.23 -8.87 33.41
CA ASN B 367 20.85 -8.32 34.61
C ASN B 367 21.80 -7.21 34.25
N PHE B 368 22.67 -7.46 33.27
CA PHE B 368 23.60 -6.46 32.77
C PHE B 368 22.86 -5.20 32.32
N GLY B 369 21.76 -5.38 31.58
CA GLY B 369 20.91 -4.26 31.20
C GLY B 369 20.37 -3.48 32.39
N MET B 370 19.91 -4.19 33.42
CA MET B 370 19.52 -3.50 34.65
C MET B 370 20.68 -2.71 35.25
N LYS B 371 21.85 -3.35 35.37
CA LYS B 371 22.99 -2.64 35.92
C LYS B 371 23.32 -1.41 35.08
N CYS B 372 23.18 -1.51 33.74
CA CYS B 372 23.35 -0.33 32.90
C CYS B 372 22.28 0.71 33.20
N TYR B 373 21.01 0.29 33.29
CA TYR B 373 19.98 1.25 33.66
C TYR B 373 20.29 1.90 34.99
N ARG B 374 20.62 1.12 36.02
CA ARG B 374 20.84 1.68 37.35
C ARG B 374 21.90 2.78 37.32
N HIS B 375 23.04 2.52 36.66
CA HIS B 375 24.21 3.39 36.73
C HIS B 375 24.22 4.47 35.67
N PHE B 376 23.43 4.35 34.62
CA PHE B 376 23.54 5.23 33.47
C PHE B 376 22.19 5.74 32.98
N TYR B 377 21.08 5.47 33.70
CA TYR B 377 19.77 5.81 33.16
C TYR B 377 19.68 7.29 32.78
N ASN B 378 20.39 8.16 33.50
CA ASN B 378 20.50 9.56 33.09
C ASN B 378 21.83 9.88 32.40
N LYS B 379 22.78 8.94 32.35
CA LYS B 379 24.01 9.15 31.58
C LYS B 379 24.05 8.25 30.34
N ILE B 380 23.09 8.42 29.43
CA ILE B 380 23.04 7.56 28.24
C ILE B 380 24.27 7.81 27.36
N LYS B 381 24.60 9.08 27.12
CA LYS B 381 25.76 9.38 26.29
C LYS B 381 26.99 8.67 26.82
N LEU B 382 27.21 8.77 28.13
CA LEU B 382 28.39 8.18 28.75
C LEU B 382 28.37 6.65 28.67
N LEU B 383 27.19 6.04 28.61
CA LEU B 383 27.14 4.58 28.48
C LEU B 383 27.59 4.14 27.10
N ASN B 384 27.06 4.80 26.07
CA ASN B 384 27.48 4.50 24.70
C ASN B 384 28.94 4.82 24.47
N ASP B 385 29.51 5.75 25.24
CA ASP B 385 30.94 5.99 25.13
C ASP B 385 31.72 4.83 25.71
N TYR B 386 31.24 4.27 26.83
CA TYR B 386 31.96 3.18 27.46
C TYR B 386 31.83 1.89 26.68
N LEU B 387 30.74 1.72 25.94
CA LEU B 387 30.50 0.48 25.23
C LEU B 387 31.04 0.50 23.81
N ALA B 388 31.25 1.70 23.27
CA ALA B 388 31.64 1.83 21.86
C ALA B 388 32.78 0.89 21.48
N PRO B 389 33.90 0.82 22.21
CA PRO B 389 34.96 -0.12 21.80
C PRO B 389 34.49 -1.55 21.86
N LYS B 390 33.71 -1.90 22.88
CA LYS B 390 33.16 -3.25 22.99
C LYS B 390 32.20 -3.55 21.85
N LYS B 391 31.34 -2.60 21.51
CA LYS B 391 30.50 -2.73 20.31
C LYS B 391 31.33 -3.04 19.07
N LYS B 392 32.41 -2.28 18.85
CA LYS B 392 33.21 -2.51 17.64
C LYS B 392 33.79 -3.92 17.65
N ILE B 393 34.24 -4.40 18.80
CA ILE B 393 34.78 -5.77 18.87
C ILE B 393 33.71 -6.77 18.44
N PHE B 394 32.47 -6.57 18.88
CA PHE B 394 31.43 -7.56 18.55
C PHE B 394 31.06 -7.45 17.08
N GLN B 395 30.97 -6.23 16.54
CA GLN B 395 30.69 -6.07 15.11
C GLN B 395 31.86 -6.54 14.25
N ASP B 396 33.11 -6.32 14.69
CA ASP B 396 34.26 -6.89 13.99
C ASP B 396 34.16 -8.40 13.90
N ARG B 397 33.87 -9.05 15.04
CA ARG B 397 33.82 -10.51 15.07
C ARG B 397 32.65 -11.03 14.23
N TRP B 398 31.54 -10.29 14.22
CA TRP B 398 30.44 -10.57 13.31
C TRP B 398 30.90 -10.49 11.84
N ARG B 399 31.65 -9.46 11.49
CA ARG B 399 32.15 -9.31 10.13
C ARG B 399 33.11 -10.45 9.75
N VAL B 400 33.83 -11.00 10.72
CA VAL B 400 34.70 -12.13 10.45
C VAL B 400 33.88 -13.39 10.18
N LEU B 401 32.81 -13.58 10.97
CA LEU B 401 32.03 -14.81 10.93
C LEU B 401 31.06 -14.85 9.76
N ASN B 402 30.66 -13.69 9.27
CA ASN B 402 29.60 -13.54 8.28
C ASN B 402 30.19 -12.60 7.23
N LYS B 403 30.94 -13.17 6.30
CA LYS B 403 31.63 -12.40 5.28
C LYS B 403 30.62 -11.65 4.42
N LEU B 404 30.90 -10.37 4.20
CA LEU B 404 30.03 -9.50 3.43
C LEU B 404 30.67 -9.16 2.10
N TYR B 405 29.82 -8.92 1.11
CA TYR B 405 30.29 -8.55 -0.22
C TYR B 405 29.34 -7.52 -0.80
N VAL B 406 29.91 -6.61 -1.59
CA VAL B 406 29.12 -5.54 -2.19
C VAL B 406 28.07 -6.13 -3.11
N LEU B 407 26.84 -5.65 -2.99
CA LEU B 407 25.74 -6.13 -3.81
C LEU B 407 25.59 -5.23 -5.04
N GLU B 408 25.48 -5.85 -6.21
CA GLU B 408 25.44 -5.09 -7.45
C GLU B 408 24.10 -4.40 -7.63
N LYS B 409 24.14 -3.14 -8.05
CA LYS B 409 22.94 -2.35 -8.31
C LYS B 409 21.87 -3.15 -9.06
N LYS B 410 22.26 -3.91 -10.08
CA LYS B 410 21.31 -4.69 -10.87
C LYS B 410 20.64 -5.80 -10.06
N HIS B 411 21.10 -6.08 -8.85
CA HIS B 411 20.51 -7.13 -8.03
C HIS B 411 19.89 -6.58 -6.77
N LYS B 412 19.76 -5.26 -6.66
CA LYS B 412 19.03 -4.68 -5.55
C LYS B 412 17.55 -5.05 -5.66
N LEU B 413 16.86 -4.96 -4.53
CA LEU B 413 15.41 -5.03 -4.54
C LEU B 413 14.84 -3.69 -4.99
N LYS B 414 13.69 -3.75 -5.66
CA LYS B 414 12.98 -2.54 -6.00
C LYS B 414 12.31 -2.00 -4.75
N LEU B 415 12.70 -0.79 -4.34
CA LEU B 415 12.14 -0.14 -3.17
C LEU B 415 11.41 1.13 -3.59
N CYS B 416 10.29 1.40 -2.93
CA CYS B 416 9.52 2.62 -3.17
C CYS B 416 9.81 3.72 -2.14
N ALA B 417 10.61 3.41 -1.12
CA ALA B 417 11.01 4.37 -0.09
C ALA B 417 12.53 4.35 0.10
#